data_8TVG
#
_entry.id   8TVG
#
loop_
_entity.id
_entity.type
_entity.pdbx_description
1 polymer 'Langya henipavirus postfusion F protein'
2 non-polymer 2-acetamido-2-deoxy-beta-D-glucopyranose
#
_entity_poly.entity_id   1
_entity_poly.type   'polypeptide(L)'
_entity_poly.pdbx_seq_one_letter_code
;MAFLKSAIICYLLFYPHIVKSSLHYDSLSKVGIIKGLTYNYKIKGSPSTKLMVVKLIPNIDGVRNCTQKQFDEYKNLVKN
VLEPVKLALNAMLDNVKSGNNKYRFAGAIMAGVALGVATAATVTAGIALHRSNENAQAIANMKNAIQNTNEAVKQLQLAN
KQTLAVIDTIRGEINNNIIPVINQLSCDTIGLSVGIKLTQYYSEILTAFGPALQNPVNTRITIQAISSVFNRNFDELLKI
MGYTSGDLYEILHSGLIRGNIIDVDVEAGYIALEIEFPNLTLVPNAVVQELMPISYNVDGDEWVTLVPRFVLTRTTLLSN
IDTSRCTVTESSVICDNDYALPMSYELIGCLQGDTSKCAREKVVSSYVPRFALSDGLVYANCLNTICRCMDTDTPISQSL
GTTVSLLDNKKCLVYQVGDILISVGSYLGEGEYSADNVELGPPVVIDKIDIGNQLAGINQTLQNAEDYIEKSEEFLKGIN
PSMKQIEDKIEEILSKIYHIENEIARIKKLIGEAPGGSIEGRGSGGGSHHHHHH
;
_entity_poly.pdbx_strand_id   A,B,C
#
loop_
_chem_comp.id
_chem_comp.type
_chem_comp.name
_chem_comp.formula
NAG D-saccharide, beta linking 2-acetamido-2-deoxy-beta-D-glucopyranose 'C8 H15 N O6'
#
# COMPACT_ATOMS: atom_id res chain seq x y z
N LEU A 23 -18.56 36.03 3.78
CA LEU A 23 -19.37 35.05 3.08
C LEU A 23 -20.72 34.87 3.80
N HIS A 24 -21.82 35.23 3.13
CA HIS A 24 -23.19 35.21 3.67
C HIS A 24 -24.03 34.13 2.98
N TYR A 25 -24.32 33.06 3.71
CA TYR A 25 -24.95 31.88 3.11
C TYR A 25 -26.45 32.01 2.89
N ASP A 26 -27.14 32.73 3.76
CA ASP A 26 -28.60 32.79 3.68
C ASP A 26 -29.09 33.31 2.33
N SER A 27 -28.34 34.25 1.75
CA SER A 27 -28.72 34.84 0.48
C SER A 27 -28.19 34.06 -0.71
N LEU A 28 -27.34 33.07 -0.46
CA LEU A 28 -26.81 32.22 -1.53
C LEU A 28 -27.69 31.01 -1.70
N SER A 29 -28.34 30.59 -0.62
CA SER A 29 -29.23 29.44 -0.66
C SER A 29 -30.32 29.65 -1.69
N LYS A 30 -30.84 30.86 -1.76
CA LYS A 30 -31.93 31.19 -2.68
C LYS A 30 -31.46 31.38 -4.11
N VAL A 31 -30.16 31.24 -4.31
CA VAL A 31 -29.53 31.38 -5.61
C VAL A 31 -29.08 30.00 -6.09
N GLY A 32 -29.34 28.98 -5.27
CA GLY A 32 -28.98 27.61 -5.62
C GLY A 32 -27.62 27.15 -5.09
N ILE A 33 -27.00 27.90 -4.18
CA ILE A 33 -25.69 27.48 -3.68
C ILE A 33 -25.76 26.96 -2.25
N ILE A 34 -25.38 25.71 -2.08
CA ILE A 34 -25.46 25.02 -0.82
C ILE A 34 -24.10 24.97 -0.10
N LYS A 35 -24.10 25.35 1.18
CA LYS A 35 -22.86 25.30 1.95
C LYS A 35 -22.34 23.88 2.06
N GLY A 36 -21.07 23.67 1.72
CA GLY A 36 -20.45 22.35 1.79
C GLY A 36 -19.50 22.21 2.97
N LEU A 37 -18.47 21.37 2.78
CA LEU A 37 -17.54 21.04 3.85
C LEU A 37 -16.52 22.14 4.13
N THR A 38 -16.09 22.23 5.39
CA THR A 38 -15.14 23.23 5.84
C THR A 38 -13.81 22.60 6.22
N TYR A 39 -12.71 23.15 5.70
CA TYR A 39 -11.38 22.62 5.97
C TYR A 39 -10.43 23.70 6.46
N ASN A 40 -9.43 23.34 7.27
CA ASN A 40 -8.39 24.30 7.60
C ASN A 40 -7.38 24.36 6.46
N TYR A 41 -6.39 25.23 6.57
CA TYR A 41 -5.42 25.38 5.48
C TYR A 41 -3.98 25.36 5.98
N LYS A 42 -3.20 24.43 5.43
CA LYS A 42 -1.81 24.25 5.85
C LYS A 42 -0.84 24.23 4.69
N ILE A 43 0.38 24.68 4.96
CA ILE A 43 1.46 24.70 3.98
C ILE A 43 2.58 23.75 4.38
N LYS A 44 2.95 22.86 3.46
CA LYS A 44 3.98 21.85 3.70
C LYS A 44 5.38 22.33 3.30
N GLY A 45 6.33 22.22 4.23
CA GLY A 45 7.72 22.60 3.97
C GLY A 45 8.64 21.37 3.93
N SER A 46 9.95 21.60 3.96
CA SER A 46 10.92 20.50 3.92
C SER A 46 10.82 19.63 5.16
N PRO A 47 10.91 18.30 5.04
CA PRO A 47 10.84 17.31 6.09
C PRO A 47 12.10 17.22 6.92
N SER A 48 11.94 16.80 8.17
CA SER A 48 13.06 16.48 9.03
C SER A 48 13.49 15.05 8.72
N THR A 49 14.78 14.78 8.82
CA THR A 49 15.26 13.45 8.45
C THR A 49 15.88 12.70 9.61
N LYS A 50 15.54 11.41 9.74
CA LYS A 50 16.11 10.56 10.76
C LYS A 50 16.48 9.19 10.17
N LEU A 51 17.70 8.73 10.43
CA LEU A 51 18.17 7.46 9.88
C LEU A 51 18.09 6.32 10.88
N MET A 52 17.54 5.19 10.46
CA MET A 52 17.51 4.02 11.31
C MET A 52 18.06 2.77 10.63
N VAL A 53 18.89 2.03 11.35
CA VAL A 53 19.44 0.79 10.84
C VAL A 53 18.66 -0.40 11.38
N VAL A 54 18.17 -1.26 10.50
CA VAL A 54 17.39 -2.41 10.89
C VAL A 54 18.17 -3.69 10.69
N LYS A 55 18.34 -4.46 11.76
CA LYS A 55 19.12 -5.69 11.69
C LYS A 55 18.21 -6.91 11.61
N LEU A 56 18.34 -7.71 10.54
CA LEU A 56 17.45 -8.83 10.32
C LEU A 56 17.93 -10.13 10.92
N ILE A 57 19.23 -10.23 11.21
CA ILE A 57 19.76 -11.45 11.79
C ILE A 57 20.20 -11.18 13.23
N PRO A 58 19.54 -11.79 14.23
CA PRO A 58 19.77 -11.60 15.64
C PRO A 58 21.06 -12.28 16.04
N ASN A 59 21.65 -11.84 17.14
CA ASN A 59 22.86 -12.46 17.63
C ASN A 59 22.56 -13.58 18.59
N ILE A 60 22.69 -14.81 18.14
CA ILE A 60 22.44 -15.96 19.01
C ILE A 60 23.76 -16.67 19.18
N ASP A 61 24.17 -16.88 20.42
CA ASP A 61 25.45 -17.51 20.67
C ASP A 61 25.35 -18.53 21.77
N GLY A 62 26.33 -19.42 21.78
CA GLY A 62 26.42 -20.49 22.75
C GLY A 62 26.05 -21.81 22.10
N VAL A 63 26.81 -22.84 22.44
CA VAL A 63 26.58 -24.16 21.90
C VAL A 63 26.24 -24.13 20.40
N ARG A 64 27.05 -23.42 19.62
CA ARG A 64 26.79 -23.23 18.19
C ARG A 64 26.62 -24.53 17.43
N ASN A 65 27.33 -25.60 17.82
CA ASN A 65 27.27 -26.93 17.19
C ASN A 65 25.87 -27.57 17.27
N CYS A 66 25.04 -27.11 18.23
CA CYS A 66 23.72 -27.63 18.53
C CYS A 66 22.66 -26.91 17.68
N THR A 67 22.76 -25.58 17.61
CA THR A 67 21.81 -24.74 16.87
C THR A 67 22.10 -24.56 15.36
N GLN A 68 23.38 -24.62 14.99
CA GLN A 68 23.87 -24.31 13.63
C GLN A 68 22.91 -24.54 12.47
N LYS A 69 22.36 -25.73 12.35
CA LYS A 69 21.58 -26.07 11.15
C LYS A 69 20.38 -25.16 10.90
N GLN A 70 19.68 -24.77 11.97
CA GLN A 70 18.49 -23.93 11.80
C GLN A 70 18.89 -22.50 11.58
N PHE A 71 20.02 -22.12 12.13
CA PHE A 71 20.48 -20.74 11.97
C PHE A 71 20.82 -20.51 10.50
N ASP A 72 21.48 -21.49 9.87
CA ASP A 72 21.82 -21.35 8.46
C ASP A 72 20.62 -21.28 7.52
N GLU A 73 19.57 -22.06 7.79
CA GLU A 73 18.39 -21.94 6.93
C GLU A 73 17.77 -20.55 7.06
N TYR A 74 17.76 -20.02 8.27
CA TYR A 74 17.25 -18.67 8.47
C TYR A 74 18.02 -17.65 7.64
N LYS A 75 19.35 -17.76 7.67
CA LYS A 75 20.16 -16.81 6.92
C LYS A 75 19.80 -16.83 5.44
N ASN A 76 19.46 -18.00 4.90
CA ASN A 76 19.09 -18.06 3.48
C ASN A 76 17.79 -17.32 3.23
N LEU A 77 16.88 -17.32 4.20
CA LEU A 77 15.63 -16.57 4.05
C LEU A 77 15.94 -15.09 3.94
N VAL A 78 16.82 -14.62 4.81
CA VAL A 78 17.19 -13.21 4.80
C VAL A 78 17.86 -12.82 3.50
N LYS A 79 18.78 -13.66 3.01
CA LYS A 79 19.46 -13.38 1.76
C LYS A 79 18.49 -13.26 0.59
N ASN A 80 17.51 -14.16 0.53
CA ASN A 80 16.55 -14.13 -0.58
C ASN A 80 15.70 -12.86 -0.58
N VAL A 81 15.47 -12.29 0.60
CA VAL A 81 14.71 -11.05 0.71
C VAL A 81 15.56 -9.81 0.39
N LEU A 82 16.79 -9.77 0.90
CA LEU A 82 17.66 -8.60 0.73
C LEU A 82 18.43 -8.53 -0.58
N GLU A 83 18.83 -9.65 -1.17
CA GLU A 83 19.66 -9.55 -2.36
C GLU A 83 19.04 -8.70 -3.48
N PRO A 84 17.73 -8.81 -3.80
CA PRO A 84 17.03 -8.01 -4.80
C PRO A 84 17.02 -6.53 -4.47
N VAL A 85 17.21 -6.17 -3.20
CA VAL A 85 17.24 -4.78 -2.82
C VAL A 85 18.59 -4.25 -3.19
N LYS A 86 19.63 -5.02 -2.88
CA LYS A 86 20.98 -4.60 -3.23
C LYS A 86 21.14 -4.46 -4.73
N LEU A 87 20.57 -5.40 -5.48
CA LEU A 87 20.71 -5.35 -6.93
C LEU A 87 20.01 -4.14 -7.51
N ALA A 88 18.82 -3.82 -7.01
CA ALA A 88 18.10 -2.66 -7.49
C ALA A 88 18.84 -1.37 -7.16
N LEU A 89 19.44 -1.30 -5.97
CA LEU A 89 20.15 -0.09 -5.59
C LEU A 89 21.37 0.13 -6.47
N ASN A 90 22.03 -0.96 -6.86
CA ASN A 90 23.19 -0.82 -7.74
C ASN A 90 22.77 -0.34 -9.13
N ALA A 91 21.66 -0.87 -9.63
CA ALA A 91 21.15 -0.47 -10.95
C ALA A 91 20.81 1.02 -10.96
N MET A 92 20.34 1.51 -9.82
CA MET A 92 19.94 2.89 -9.62
C MET A 92 21.00 3.71 -8.89
N LEU A 93 22.24 3.26 -8.91
CA LEU A 93 23.31 3.92 -8.14
C LEU A 93 23.39 5.43 -8.35
N ASP A 94 23.14 5.89 -9.57
CA ASP A 94 23.27 7.32 -9.87
C ASP A 94 22.03 8.12 -9.49
N ASN A 95 20.96 7.44 -9.07
CA ASN A 95 19.71 8.11 -8.72
C ASN A 95 19.36 8.02 -7.24
N VAL A 96 19.96 7.08 -6.51
CA VAL A 96 19.67 6.95 -5.09
C VAL A 96 20.34 8.10 -4.34
N LYS A 97 19.55 8.80 -3.54
CA LYS A 97 20.01 10.01 -2.84
C LYS A 97 21.23 9.86 -1.92
N SER A 98 21.38 8.71 -1.24
CA SER A 98 22.51 8.44 -0.32
C SER A 98 23.05 7.04 -0.56
N ALA A 159 27.00 -71.24 34.79
CA ALA A 159 25.78 -70.47 34.50
C ALA A 159 25.98 -68.97 34.75
N ASN A 160 26.78 -68.62 35.78
CA ASN A 160 27.01 -67.22 36.18
C ASN A 160 27.71 -66.42 35.10
N LYS A 161 28.61 -67.05 34.36
CA LYS A 161 29.31 -66.34 33.30
C LYS A 161 28.37 -66.03 32.15
N GLN A 162 27.42 -66.94 31.90
CA GLN A 162 26.46 -66.72 30.83
C GLN A 162 25.53 -65.59 31.21
N THR A 163 25.19 -65.53 32.50
CA THR A 163 24.32 -64.48 33.01
C THR A 163 25.00 -63.13 32.85
N LEU A 164 26.29 -63.04 33.17
CA LEU A 164 27.01 -61.79 33.03
C LEU A 164 27.08 -61.39 31.56
N ALA A 165 27.24 -62.36 30.67
CA ALA A 165 27.30 -62.08 29.25
C ALA A 165 26.00 -61.45 28.77
N VAL A 166 24.87 -61.92 29.30
CA VAL A 166 23.57 -61.36 28.95
C VAL A 166 23.47 -59.93 29.44
N ILE A 167 23.90 -59.69 30.67
CA ILE A 167 23.84 -58.36 31.25
C ILE A 167 24.69 -57.37 30.45
N ASP A 168 25.90 -57.78 30.07
CA ASP A 168 26.77 -56.92 29.32
C ASP A 168 26.23 -56.66 27.91
N THR A 169 25.58 -57.67 27.32
CA THR A 169 24.98 -57.48 26.01
C THR A 169 23.90 -56.41 26.07
N ILE A 170 23.05 -56.49 27.09
CA ILE A 170 22.00 -55.49 27.23
C ILE A 170 22.61 -54.13 27.45
N ARG A 171 23.63 -54.06 28.31
CA ARG A 171 24.29 -52.79 28.55
C ARG A 171 24.82 -52.22 27.25
N GLY A 172 25.38 -53.08 26.41
CA GLY A 172 25.91 -52.67 25.12
C GLY A 172 24.84 -51.98 24.30
N GLU A 173 23.72 -52.65 24.04
CA GLU A 173 22.66 -52.01 23.27
C GLU A 173 22.18 -50.69 23.87
N ILE A 174 22.13 -50.60 25.19
CA ILE A 174 21.72 -49.33 25.79
C ILE A 174 22.77 -48.27 25.53
N ASN A 175 24.01 -48.62 25.76
CA ASN A 175 25.13 -47.70 25.69
C ASN A 175 25.50 -47.28 24.26
N ASN A 176 25.27 -48.17 23.28
CA ASN A 176 25.62 -47.87 21.91
C ASN A 176 24.45 -47.39 21.04
N ASN A 177 23.22 -47.77 21.37
CA ASN A 177 22.09 -47.37 20.55
C ASN A 177 21.19 -46.37 21.26
N ILE A 178 20.67 -46.74 22.42
CA ILE A 178 19.69 -45.88 23.08
C ILE A 178 20.25 -44.55 23.57
N ILE A 179 21.38 -44.57 24.27
CA ILE A 179 21.88 -43.32 24.79
C ILE A 179 22.27 -42.30 23.70
N PRO A 180 23.09 -42.65 22.69
CA PRO A 180 23.45 -41.77 21.59
C PRO A 180 22.25 -41.16 20.88
N VAL A 181 21.17 -41.92 20.71
CA VAL A 181 20.00 -41.37 20.06
C VAL A 181 19.33 -40.32 20.92
N ILE A 182 19.20 -40.60 22.22
CA ILE A 182 18.54 -39.65 23.10
C ILE A 182 19.35 -38.36 23.14
N ASN A 183 20.67 -38.47 23.22
CA ASN A 183 21.49 -37.26 23.27
C ASN A 183 21.34 -36.44 21.99
N GLN A 184 21.21 -37.11 20.85
CA GLN A 184 21.02 -36.37 19.60
C GLN A 184 19.67 -35.67 19.59
N LEU A 185 18.64 -36.31 20.14
CA LEU A 185 17.32 -35.70 20.19
C LEU A 185 17.33 -34.46 21.05
N SER A 186 18.16 -34.43 22.08
CA SER A 186 18.23 -33.24 22.92
C SER A 186 18.69 -32.00 22.14
N CYS A 187 19.69 -32.14 21.24
CA CYS A 187 20.08 -30.99 20.39
C CYS A 187 19.17 -30.77 19.20
N ASP A 188 18.45 -31.78 18.77
CA ASP A 188 17.51 -31.51 17.70
C ASP A 188 16.42 -30.60 18.26
N THR A 189 16.05 -30.83 19.53
CA THR A 189 15.07 -30.03 20.22
C THR A 189 15.51 -28.57 20.37
N ILE A 190 16.76 -28.36 20.80
CA ILE A 190 17.26 -26.99 20.93
C ILE A 190 17.30 -26.31 19.58
N GLY A 191 17.74 -27.02 18.56
CA GLY A 191 17.80 -26.46 17.22
C GLY A 191 16.43 -25.97 16.78
N LEU A 192 15.41 -26.83 16.92
CA LEU A 192 14.06 -26.46 16.51
C LEU A 192 13.55 -25.27 17.30
N SER A 193 13.87 -25.20 18.58
CA SER A 193 13.43 -24.07 19.40
C SER A 193 13.98 -22.76 18.86
N VAL A 194 15.27 -22.77 18.50
CA VAL A 194 15.89 -21.59 17.91
C VAL A 194 15.25 -21.26 16.57
N GLY A 195 14.98 -22.27 15.75
CA GLY A 195 14.37 -22.06 14.45
C GLY A 195 13.02 -21.35 14.57
N ILE A 196 12.20 -21.74 15.54
CA ILE A 196 10.91 -21.07 15.72
C ILE A 196 11.11 -19.63 16.13
N LYS A 197 12.02 -19.39 17.07
CA LYS A 197 12.26 -18.04 17.57
C LYS A 197 12.73 -17.11 16.46
N LEU A 198 13.61 -17.61 15.60
CA LEU A 198 14.11 -16.82 14.47
C LEU A 198 13.00 -16.50 13.49
N THR A 199 12.12 -17.47 13.24
CA THR A 199 11.03 -17.26 12.31
C THR A 199 10.11 -16.15 12.81
N GLN A 200 9.81 -16.16 14.11
CA GLN A 200 8.95 -15.13 14.67
C GLN A 200 9.59 -13.75 14.57
N TYR A 201 10.90 -13.67 14.82
CA TYR A 201 11.58 -12.38 14.69
C TYR A 201 11.41 -11.83 13.29
N TYR A 202 11.61 -12.67 12.28
CA TYR A 202 11.40 -12.19 10.92
C TYR A 202 10.00 -11.65 10.75
N SER A 203 8.99 -12.37 11.24
CA SER A 203 7.61 -11.92 11.12
C SER A 203 7.41 -10.55 11.76
N GLU A 204 8.08 -10.28 12.88
CA GLU A 204 7.95 -8.96 13.51
C GLU A 204 8.51 -7.87 12.59
N ILE A 205 9.65 -8.13 11.96
CA ILE A 205 10.23 -7.19 11.00
C ILE A 205 9.36 -7.06 9.78
N LEU A 206 8.81 -8.16 9.28
CA LEU A 206 7.97 -8.10 8.12
C LEU A 206 6.76 -7.21 8.39
N THR A 207 6.27 -7.22 9.63
CA THR A 207 5.15 -6.39 9.99
C THR A 207 5.53 -4.91 10.03
N ALA A 208 6.63 -4.57 10.69
CA ALA A 208 7.00 -3.17 10.87
C ALA A 208 7.73 -2.54 9.68
N PHE A 209 8.64 -3.26 9.06
CA PHE A 209 9.44 -2.72 7.98
C PHE A 209 9.15 -3.41 6.66
N GLY A 210 8.00 -4.06 6.59
CA GLY A 210 7.60 -4.79 5.41
C GLY A 210 7.75 -3.96 4.15
N PRO A 211 7.04 -2.84 4.04
CA PRO A 211 7.06 -1.92 2.92
C PRO A 211 8.48 -1.49 2.54
N ALA A 212 9.37 -1.34 3.53
CA ALA A 212 10.73 -0.90 3.22
C ALA A 212 11.45 -1.93 2.38
N LEU A 213 11.24 -3.20 2.70
CA LEU A 213 11.88 -4.28 1.99
C LEU A 213 11.25 -4.49 0.62
N GLN A 214 9.93 -4.35 0.57
CA GLN A 214 9.19 -4.58 -0.68
C GLN A 214 9.44 -3.52 -1.73
N ASN A 215 9.55 -2.26 -1.32
CA ASN A 215 9.73 -1.16 -2.24
C ASN A 215 10.83 -0.22 -1.79
N PRO A 216 12.07 -0.40 -2.23
CA PRO A 216 13.23 0.36 -1.81
C PRO A 216 13.04 1.87 -1.94
N VAL A 217 12.18 2.30 -2.86
CA VAL A 217 11.95 3.72 -3.09
C VAL A 217 10.52 4.17 -2.75
N ASN A 218 10.42 5.24 -1.97
CA ASN A 218 9.16 5.91 -1.61
C ASN A 218 8.10 5.08 -0.90
N THR A 219 8.45 4.54 0.26
CA THR A 219 7.49 3.72 1.01
C THR A 219 6.70 4.53 2.02
N ARG A 220 5.60 3.94 2.50
CA ARG A 220 4.82 4.51 3.58
C ARG A 220 5.28 3.90 4.88
N ILE A 221 5.60 4.73 5.85
CA ILE A 221 6.12 4.24 7.12
C ILE A 221 5.01 3.82 8.07
N THR A 222 5.17 2.64 8.66
CA THR A 222 4.19 2.05 9.56
C THR A 222 4.26 2.66 10.94
N ILE A 223 3.23 2.42 11.74
CA ILE A 223 3.22 2.93 13.09
C ILE A 223 4.23 2.23 13.97
N GLN A 224 4.51 0.96 13.69
CA GLN A 224 5.50 0.25 14.50
C GLN A 224 6.88 0.84 14.25
N ALA A 225 7.19 1.16 12.99
CA ALA A 225 8.47 1.76 12.68
C ALA A 225 8.62 3.12 13.35
N ILE A 226 7.54 3.90 13.41
CA ILE A 226 7.58 5.22 14.02
C ILE A 226 7.80 5.13 15.53
N SER A 227 7.09 4.23 16.21
CA SER A 227 7.27 4.14 17.64
C SER A 227 8.68 3.65 17.96
N SER A 228 9.28 2.85 17.07
CA SER A 228 10.65 2.41 17.29
C SER A 228 11.59 3.61 17.26
N VAL A 229 11.37 4.47 16.27
CA VAL A 229 12.17 5.67 16.07
C VAL A 229 12.17 6.59 17.29
N PHE A 230 11.02 6.74 17.94
CA PHE A 230 10.90 7.61 19.11
C PHE A 230 10.87 6.87 20.45
N ASN A 231 11.33 5.63 20.48
CA ASN A 231 11.40 4.84 21.72
C ASN A 231 10.07 4.73 22.46
N ARG A 232 9.00 4.49 21.71
CA ARG A 232 7.65 4.31 22.24
C ARG A 232 7.22 5.46 23.13
N ASN A 233 7.49 6.67 22.69
CA ASN A 233 7.11 7.86 23.41
C ASN A 233 6.52 8.90 22.46
N PHE A 234 5.20 8.95 22.41
CA PHE A 234 4.55 9.85 21.47
C PHE A 234 4.48 11.27 22.00
N ASP A 235 4.87 11.49 23.25
CA ASP A 235 4.87 12.86 23.75
C ASP A 235 6.12 13.52 23.18
N GLU A 236 7.22 12.76 23.16
CA GLU A 236 8.46 13.23 22.57
C GLU A 236 8.28 13.47 21.09
N LEU A 237 7.56 12.57 20.43
CA LEU A 237 7.33 12.71 18.99
C LEU A 237 6.67 14.03 18.69
N LEU A 238 5.58 14.32 19.40
CA LEU A 238 4.83 15.53 19.14
C LEU A 238 5.65 16.77 19.48
N LYS A 239 6.40 16.71 20.59
CA LYS A 239 7.19 17.85 21.04
C LYS A 239 8.28 18.24 20.05
N ILE A 240 9.02 17.26 19.54
CA ILE A 240 10.10 17.54 18.61
C ILE A 240 9.60 18.11 17.30
N MET A 241 8.56 17.49 16.76
CA MET A 241 8.01 17.95 15.48
C MET A 241 7.15 19.19 15.60
N GLY A 242 6.60 19.46 16.78
CA GLY A 242 5.73 20.61 16.95
C GLY A 242 4.33 20.30 16.46
N TYR A 243 3.95 19.04 16.57
CA TYR A 243 2.65 18.57 16.13
C TYR A 243 1.64 18.64 17.24
N THR A 244 0.39 18.87 16.88
CA THR A 244 -0.70 18.71 17.83
C THR A 244 -1.31 17.34 17.56
N SER A 245 -2.20 16.88 18.41
CA SER A 245 -2.79 15.56 18.18
C SER A 245 -3.52 15.51 16.85
N GLY A 246 -4.07 16.65 16.44
CA GLY A 246 -4.76 16.77 15.17
C GLY A 246 -3.83 16.60 13.97
N ASP A 247 -2.55 16.92 14.13
CA ASP A 247 -1.63 16.82 13.02
C ASP A 247 -1.17 15.39 12.89
N LEU A 248 -1.00 14.72 14.02
CA LEU A 248 -0.55 13.35 13.95
C LEU A 248 -1.62 12.53 13.25
N TYR A 249 -2.88 12.80 13.56
CA TYR A 249 -3.97 12.08 12.96
C TYR A 249 -4.03 12.27 11.45
N GLU A 250 -4.03 13.51 10.98
CA GLU A 250 -4.17 13.72 9.55
C GLU A 250 -2.91 13.30 8.77
N ILE A 251 -1.75 13.36 9.41
CA ILE A 251 -0.52 12.91 8.78
C ILE A 251 -0.56 11.40 8.56
N LEU A 252 -1.00 10.64 9.55
CA LEU A 252 -1.11 9.21 9.38
C LEU A 252 -2.20 8.85 8.36
N HIS A 253 -3.28 9.64 8.34
CA HIS A 253 -4.39 9.47 7.42
C HIS A 253 -3.94 9.59 5.96
N SER A 254 -3.20 10.65 5.67
CA SER A 254 -2.72 10.88 4.32
C SER A 254 -1.50 10.03 3.98
N GLY A 255 -0.73 9.64 4.98
CA GLY A 255 0.46 8.84 4.74
C GLY A 255 1.60 9.73 4.30
N LEU A 256 1.79 10.85 4.99
CA LEU A 256 2.82 11.80 4.61
C LEU A 256 4.20 11.48 5.18
N ILE A 257 4.31 10.42 5.98
CA ILE A 257 5.62 10.03 6.49
C ILE A 257 6.16 8.95 5.59
N ARG A 258 7.27 9.23 4.94
CA ARG A 258 7.80 8.37 3.89
C ARG A 258 9.25 8.03 4.13
N GLY A 259 9.75 7.01 3.43
CA GLY A 259 11.16 6.69 3.56
C GLY A 259 11.71 5.85 2.44
N ASN A 260 13.04 5.72 2.44
CA ASN A 260 13.76 5.02 1.38
C ASN A 260 14.89 4.18 1.95
N ILE A 261 15.23 3.09 1.29
CA ILE A 261 16.44 2.38 1.66
C ILE A 261 17.59 3.02 0.90
N ILE A 262 18.62 3.41 1.63
CA ILE A 262 19.74 4.07 1.02
C ILE A 262 20.87 3.10 0.76
N ASP A 263 21.04 2.13 1.66
CA ASP A 263 22.08 1.11 1.48
C ASP A 263 21.71 -0.17 2.22
N VAL A 264 22.27 -1.28 1.76
CA VAL A 264 22.07 -2.56 2.43
C VAL A 264 23.37 -3.36 2.50
N ASP A 265 23.39 -4.32 3.42
CA ASP A 265 24.49 -5.28 3.54
C ASP A 265 23.91 -6.67 3.65
N VAL A 266 23.95 -7.41 2.55
CA VAL A 266 23.25 -8.67 2.44
C VAL A 266 23.83 -9.72 3.38
N GLU A 267 25.15 -9.78 3.47
CA GLU A 267 25.79 -10.77 4.33
C GLU A 267 25.55 -10.50 5.81
N ALA A 268 25.58 -9.21 6.19
CA ALA A 268 25.36 -8.82 7.57
C ALA A 268 23.89 -8.85 7.95
N GLY A 269 23.01 -8.73 6.96
CA GLY A 269 21.58 -8.70 7.22
C GLY A 269 21.13 -7.32 7.67
N TYR A 270 21.80 -6.28 7.19
CA TYR A 270 21.45 -4.93 7.61
C TYR A 270 20.81 -4.13 6.50
N ILE A 271 19.82 -3.31 6.84
CA ILE A 271 19.35 -2.32 5.87
C ILE A 271 19.38 -0.93 6.51
N ALA A 272 19.75 0.08 5.74
CA ALA A 272 19.75 1.46 6.22
C ALA A 272 18.57 2.21 5.64
N LEU A 273 17.58 2.46 6.51
CA LEU A 273 16.31 3.08 6.14
C LEU A 273 16.21 4.52 6.61
N GLU A 274 16.02 5.43 5.68
CA GLU A 274 15.93 6.85 6.01
C GLU A 274 14.48 7.32 6.00
N ILE A 275 14.04 7.92 7.12
CA ILE A 275 12.66 8.35 7.28
C ILE A 275 12.50 9.87 7.31
N GLU A 276 11.58 10.36 6.48
CA GLU A 276 11.28 11.78 6.35
C GLU A 276 9.96 12.17 7.03
N PHE A 277 10.07 13.05 8.03
CA PHE A 277 8.92 13.51 8.81
C PHE A 277 8.58 14.95 8.41
N PRO A 278 7.42 15.21 7.81
CA PRO A 278 7.04 16.47 7.19
C PRO A 278 6.87 17.58 8.21
N ASN A 279 7.17 18.80 7.79
CA ASN A 279 6.93 19.96 8.64
C ASN A 279 5.76 20.77 8.12
N LEU A 280 4.64 20.70 8.82
CA LEU A 280 3.45 21.40 8.36
C LEU A 280 3.28 22.69 9.15
N THR A 281 2.91 23.75 8.45
CA THR A 281 2.67 25.03 9.10
C THR A 281 1.22 25.46 8.89
N LEU A 282 0.61 25.97 9.94
CA LEU A 282 -0.78 26.39 9.88
C LEU A 282 -0.90 27.86 9.56
N VAL A 283 -1.76 28.21 8.61
CA VAL A 283 -1.99 29.60 8.31
C VAL A 283 -3.11 30.10 9.20
N PRO A 284 -2.88 31.07 10.10
CA PRO A 284 -3.84 31.55 11.06
C PRO A 284 -5.12 32.02 10.43
N ASN A 285 -6.24 31.54 10.96
CA ASN A 285 -7.59 31.91 10.54
C ASN A 285 -7.92 31.58 9.09
N ALA A 286 -7.08 30.80 8.41
CA ALA A 286 -7.38 30.50 7.02
C ALA A 286 -8.27 29.29 6.89
N VAL A 287 -9.49 29.52 6.42
CA VAL A 287 -10.50 28.48 6.31
C VAL A 287 -11.02 28.32 4.88
N VAL A 288 -11.00 27.09 4.39
CA VAL A 288 -11.48 26.77 3.06
C VAL A 288 -12.91 26.30 3.09
N GLN A 289 -13.76 26.96 2.31
CA GLN A 289 -15.18 26.62 2.29
C GLN A 289 -15.62 26.12 0.92
N GLU A 290 -16.19 24.92 0.90
CA GLU A 290 -16.75 24.33 -0.30
C GLU A 290 -18.15 24.89 -0.60
N LEU A 291 -18.42 25.19 -1.87
CA LEU A 291 -19.73 25.63 -2.31
C LEU A 291 -20.30 24.63 -3.33
N MET A 292 -21.54 24.20 -3.13
CA MET A 292 -22.12 23.19 -4.02
C MET A 292 -23.36 23.70 -4.76
N PRO A 293 -23.23 24.26 -5.96
CA PRO A 293 -24.32 24.81 -6.74
C PRO A 293 -25.20 23.72 -7.34
N ILE A 294 -26.52 23.91 -7.28
CA ILE A 294 -27.48 23.04 -7.95
C ILE A 294 -28.45 23.93 -8.70
N SER A 295 -29.26 23.34 -9.57
CA SER A 295 -30.25 24.13 -10.30
C SER A 295 -31.34 24.70 -9.41
N TYR A 296 -31.97 25.76 -9.90
CA TYR A 296 -33.11 26.39 -9.23
C TYR A 296 -34.01 27.08 -10.25
N ASN A 297 -35.22 27.42 -9.84
CA ASN A 297 -36.14 28.15 -10.71
C ASN A 297 -36.35 29.57 -10.21
N VAL A 298 -36.70 30.47 -11.12
CA VAL A 298 -36.97 31.85 -10.75
C VAL A 298 -38.18 32.39 -11.54
N ASP A 299 -38.01 33.43 -12.35
CA ASP A 299 -39.12 34.00 -13.11
C ASP A 299 -39.67 32.97 -14.09
N GLY A 300 -38.78 32.12 -14.58
CA GLY A 300 -39.15 31.05 -15.49
C GLY A 300 -37.87 30.38 -15.99
N ASP A 301 -38.04 29.20 -16.60
CA ASP A 301 -36.94 28.42 -17.12
C ASP A 301 -36.10 27.88 -15.94
N GLU A 302 -34.94 27.32 -16.23
CA GLU A 302 -34.09 26.71 -15.20
C GLU A 302 -32.70 27.32 -15.22
N TRP A 303 -32.20 27.68 -14.03
CA TRP A 303 -30.92 28.38 -13.92
C TRP A 303 -29.91 27.73 -12.99
N VAL A 304 -28.63 27.92 -13.32
CA VAL A 304 -27.51 27.51 -12.46
C VAL A 304 -26.55 28.67 -12.24
N THR A 305 -26.20 28.93 -10.99
CA THR A 305 -25.26 30.00 -10.67
C THR A 305 -23.85 29.45 -10.64
N LEU A 306 -22.92 30.13 -11.30
CA LEU A 306 -21.56 29.65 -11.38
C LEU A 306 -20.58 30.40 -10.50
N VAL A 307 -20.05 29.69 -9.52
CA VAL A 307 -19.04 30.20 -8.59
C VAL A 307 -17.95 29.14 -8.50
N PRO A 308 -16.73 29.47 -8.07
CA PRO A 308 -15.67 28.53 -7.79
C PRO A 308 -16.15 27.58 -6.71
N ARG A 309 -15.80 26.30 -6.84
CA ARG A 309 -16.21 25.34 -5.83
C ARG A 309 -15.53 25.62 -4.51
N PHE A 310 -14.27 26.02 -4.53
CA PHE A 310 -13.59 26.30 -3.27
C PHE A 310 -13.16 27.74 -3.18
N VAL A 311 -13.54 28.38 -2.08
CA VAL A 311 -13.12 29.75 -1.82
C VAL A 311 -12.43 29.81 -0.47
N LEU A 312 -11.38 30.62 -0.39
CA LEU A 312 -10.64 30.76 0.86
C LEU A 312 -11.01 32.04 1.58
N THR A 313 -11.36 31.91 2.84
CA THR A 313 -11.71 33.06 3.67
C THR A 313 -10.73 33.13 4.82
N ARG A 314 -10.19 34.30 5.10
CA ARG A 314 -9.31 34.37 6.25
C ARG A 314 -9.99 35.16 7.37
N THR A 315 -9.96 36.48 7.27
CA THR A 315 -10.66 37.31 8.24
C THR A 315 -11.81 38.01 7.52
N THR A 316 -11.49 39.12 6.88
CA THR A 316 -12.47 39.86 6.08
C THR A 316 -12.09 39.79 4.60
N LEU A 317 -11.10 38.95 4.32
CA LEU A 317 -10.55 38.81 2.98
C LEU A 317 -10.99 37.52 2.31
N LEU A 318 -11.30 37.59 1.01
CA LEU A 318 -11.63 36.41 0.22
C LEU A 318 -10.63 36.21 -0.91
N SER A 319 -10.28 34.97 -1.19
CA SER A 319 -9.38 34.65 -2.29
C SER A 319 -9.73 33.33 -2.96
N ASN A 320 -9.21 33.12 -4.15
CA ASN A 320 -9.47 31.88 -4.88
C ASN A 320 -8.35 30.90 -4.63
N ILE A 321 -8.68 29.62 -4.55
CA ILE A 321 -7.64 28.60 -4.42
C ILE A 321 -7.85 27.49 -5.43
N ASP A 322 -6.81 26.72 -5.65
CA ASP A 322 -6.86 25.56 -6.52
C ASP A 322 -6.37 24.34 -5.77
N THR A 323 -7.29 23.46 -5.41
CA THR A 323 -6.99 22.32 -4.57
C THR A 323 -6.68 21.07 -5.37
N SER A 324 -6.64 21.17 -6.70
CA SER A 324 -6.40 20.00 -7.55
C SER A 324 -5.00 19.44 -7.38
N ARG A 325 -4.12 20.25 -6.80
CA ARG A 325 -2.74 19.83 -6.55
C ARG A 325 -2.42 19.62 -5.05
N CYS A 326 -3.44 19.63 -4.18
CA CYS A 326 -3.30 19.56 -2.73
C CYS A 326 -3.86 18.25 -2.18
N THR A 327 -3.38 17.86 -1.01
CA THR A 327 -3.86 16.68 -0.32
C THR A 327 -5.03 17.08 0.57
N VAL A 328 -6.15 16.40 0.44
CA VAL A 328 -7.29 16.80 1.25
C VAL A 328 -7.69 15.71 2.22
N THR A 329 -7.67 16.07 3.50
CA THR A 329 -8.03 15.20 4.59
C THR A 329 -9.39 15.60 5.09
N GLU A 330 -9.92 14.87 6.05
CA GLU A 330 -11.22 15.23 6.57
C GLU A 330 -11.18 16.58 7.27
N SER A 331 -10.06 16.88 7.94
CA SER A 331 -9.93 18.13 8.70
C SER A 331 -9.27 19.29 7.96
N SER A 332 -8.37 19.03 7.02
CA SER A 332 -7.66 20.15 6.40
C SER A 332 -7.16 19.92 4.98
N VAL A 333 -6.82 21.02 4.31
CA VAL A 333 -6.19 20.96 3.00
C VAL A 333 -4.70 21.23 3.13
N ILE A 334 -3.88 20.26 2.76
CA ILE A 334 -2.44 20.38 2.89
C ILE A 334 -1.78 20.58 1.52
N CYS A 335 -1.24 21.77 1.28
CA CYS A 335 -0.66 22.17 0.00
C CYS A 335 0.83 22.42 0.13
N ASP A 336 1.57 22.10 -0.91
CA ASP A 336 2.96 22.55 -0.99
C ASP A 336 2.88 23.89 -1.67
N ASN A 337 3.55 24.89 -1.11
CA ASN A 337 3.35 26.27 -1.57
C ASN A 337 1.99 26.80 -1.19
N ASP A 338 1.75 28.09 -1.44
CA ASP A 338 0.52 28.77 -1.04
C ASP A 338 -0.17 29.11 -2.37
N TYR A 339 -1.34 28.53 -2.59
CA TYR A 339 -2.05 28.65 -3.86
C TYR A 339 -3.11 29.76 -3.92
N ALA A 340 -3.20 30.60 -2.89
CA ALA A 340 -4.21 31.66 -2.92
C ALA A 340 -3.92 32.73 -3.97
N LEU A 341 -4.97 33.14 -4.69
CA LEU A 341 -4.89 34.22 -5.68
C LEU A 341 -6.03 35.23 -5.48
N PRO A 342 -5.85 36.50 -5.86
CA PRO A 342 -6.82 37.58 -5.73
C PRO A 342 -8.17 37.23 -6.35
N MET A 343 -9.24 37.63 -5.67
CA MET A 343 -10.60 37.36 -6.14
C MET A 343 -11.18 38.60 -6.81
N SER A 344 -11.99 38.40 -7.84
CA SER A 344 -12.59 39.52 -8.55
C SER A 344 -13.60 40.26 -7.69
N TYR A 345 -13.82 41.52 -8.01
CA TYR A 345 -14.76 42.35 -7.29
C TYR A 345 -16.17 41.79 -7.31
N GLU A 346 -16.62 41.38 -8.49
CA GLU A 346 -17.98 40.90 -8.65
C GLU A 346 -18.23 39.62 -7.86
N LEU A 347 -17.27 38.72 -7.82
CA LEU A 347 -17.46 37.50 -7.04
C LEU A 347 -17.49 37.82 -5.56
N ILE A 348 -16.65 38.75 -5.11
CA ILE A 348 -16.66 39.12 -3.70
C ILE A 348 -18.03 39.65 -3.36
N GLY A 349 -18.56 40.49 -4.22
CA GLY A 349 -19.89 41.05 -4.03
C GLY A 349 -20.93 39.94 -3.77
N CYS A 350 -21.02 38.94 -4.66
CA CYS A 350 -21.97 37.84 -4.54
C CYS A 350 -21.78 37.04 -3.26
N LEU A 351 -20.55 36.67 -2.96
CA LEU A 351 -20.31 35.82 -1.83
C LEU A 351 -20.70 36.52 -0.53
N GLN A 352 -20.54 37.84 -0.50
CA GLN A 352 -20.87 38.61 0.68
C GLN A 352 -22.34 39.03 0.74
N GLY A 353 -23.16 38.55 -0.20
CA GLY A 353 -24.60 38.79 -0.16
C GLY A 353 -25.17 39.80 -1.16
N ASP A 354 -24.37 40.28 -2.11
CA ASP A 354 -24.93 41.31 -3.02
C ASP A 354 -25.99 40.63 -3.88
N THR A 355 -25.57 39.67 -4.72
CA THR A 355 -26.51 38.87 -5.56
C THR A 355 -26.91 39.71 -6.76
N SER A 356 -26.28 40.87 -6.93
CA SER A 356 -26.58 41.73 -8.10
C SER A 356 -26.21 41.00 -9.39
N LYS A 357 -25.06 40.32 -9.41
CA LYS A 357 -24.61 39.68 -10.68
C LYS A 357 -24.67 38.15 -10.55
N CYS A 358 -23.64 37.54 -9.94
CA CYS A 358 -23.67 36.07 -9.70
C CYS A 358 -23.91 35.35 -11.04
N ALA A 359 -23.28 35.82 -12.11
CA ALA A 359 -23.44 35.23 -13.46
C ALA A 359 -24.32 33.97 -13.44
N ARG A 360 -25.64 34.14 -13.46
CA ARG A 360 -26.47 32.95 -13.58
C ARG A 360 -26.70 32.62 -15.04
N GLU A 361 -26.60 31.33 -15.37
CA GLU A 361 -26.74 30.88 -16.74
C GLU A 361 -27.96 29.99 -16.95
N LYS A 362 -28.62 30.20 -18.09
CA LYS A 362 -29.82 29.48 -18.49
C LYS A 362 -29.48 28.06 -18.92
N VAL A 363 -30.27 27.08 -18.49
CA VAL A 363 -30.04 25.70 -18.88
C VAL A 363 -30.99 25.31 -20.00
N VAL A 364 -30.47 25.12 -21.19
CA VAL A 364 -31.32 24.84 -22.33
C VAL A 364 -31.25 23.40 -22.82
N SER A 365 -30.03 22.94 -23.11
CA SER A 365 -29.83 21.60 -23.63
C SER A 365 -28.67 20.92 -22.93
N SER A 366 -28.59 21.12 -21.62
CA SER A 366 -27.55 20.53 -20.80
C SER A 366 -28.10 19.80 -19.59
N TYR A 367 -27.34 18.84 -19.12
CA TYR A 367 -27.64 18.15 -17.87
C TYR A 367 -27.03 18.92 -16.72
N VAL A 368 -27.82 19.16 -15.68
CA VAL A 368 -27.35 19.85 -14.49
C VAL A 368 -27.80 19.06 -13.26
N PRO A 369 -27.09 19.18 -12.13
CA PRO A 369 -27.42 18.56 -10.87
C PRO A 369 -28.66 19.14 -10.21
N ARG A 370 -29.39 18.27 -9.52
CA ARG A 370 -30.56 18.68 -8.75
C ARG A 370 -30.45 18.31 -7.28
N PHE A 371 -29.27 17.89 -6.85
CA PHE A 371 -29.08 17.57 -5.46
C PHE A 371 -27.63 17.72 -5.05
N ALA A 372 -27.41 17.76 -3.74
CA ALA A 372 -26.06 17.85 -3.21
C ALA A 372 -25.95 17.01 -1.94
N LEU A 373 -24.79 16.41 -1.74
CA LEU A 373 -24.56 15.53 -0.60
C LEU A 373 -23.48 16.05 0.33
N SER A 374 -23.78 16.11 1.62
CA SER A 374 -22.77 16.54 2.60
C SER A 374 -22.89 15.81 3.93
N ASP A 375 -21.93 14.95 4.24
CA ASP A 375 -21.93 14.16 5.47
C ASP A 375 -23.23 13.41 5.70
N GLY A 376 -23.80 12.86 4.62
CA GLY A 376 -25.03 12.09 4.73
C GLY A 376 -26.30 12.92 4.50
N LEU A 377 -26.16 14.24 4.49
CA LEU A 377 -27.32 15.08 4.27
C LEU A 377 -27.63 15.15 2.79
N VAL A 378 -28.91 15.04 2.45
CA VAL A 378 -29.29 15.14 1.06
C VAL A 378 -30.13 16.37 0.82
N TYR A 379 -29.63 17.27 0.00
CA TYR A 379 -30.34 18.49 -0.36
C TYR A 379 -30.88 18.30 -1.75
N ALA A 380 -32.09 18.77 -2.02
CA ALA A 380 -32.61 18.57 -3.37
C ALA A 380 -33.55 19.65 -3.85
N ASN A 381 -33.54 19.85 -5.16
CA ASN A 381 -34.46 20.77 -5.82
C ASN A 381 -35.78 20.08 -6.17
N CYS A 382 -36.54 19.73 -5.12
CA CYS A 382 -37.79 18.97 -5.23
C CYS A 382 -38.93 19.89 -5.70
N LEU A 383 -38.60 21.15 -5.91
CA LEU A 383 -39.52 22.12 -6.44
C LEU A 383 -39.55 22.03 -7.97
N ASN A 384 -38.46 21.50 -8.54
CA ASN A 384 -38.31 21.40 -9.99
C ASN A 384 -38.63 20.00 -10.49
N THR A 385 -38.19 19.00 -9.74
CA THR A 385 -38.34 17.62 -10.15
C THR A 385 -39.23 16.84 -9.20
N ILE A 386 -39.35 15.56 -9.45
CA ILE A 386 -40.15 14.70 -8.60
C ILE A 386 -39.23 13.95 -7.63
N CYS A 387 -39.53 14.08 -6.33
CA CYS A 387 -38.78 13.44 -5.25
C CYS A 387 -39.70 12.45 -4.54
N ARG A 388 -39.16 11.29 -4.18
CA ARG A 388 -39.93 10.27 -3.44
C ARG A 388 -39.12 9.60 -2.33
N CYS A 389 -39.81 9.18 -1.26
CA CYS A 389 -39.23 8.43 -0.14
C CYS A 389 -39.60 6.94 -0.26
N MET A 390 -38.61 6.10 -0.47
CA MET A 390 -38.86 4.69 -0.73
C MET A 390 -39.20 3.93 0.53
N ASP A 391 -40.01 2.89 0.34
CA ASP A 391 -40.45 2.01 1.42
C ASP A 391 -41.44 2.70 2.36
N THR A 392 -41.85 3.92 2.01
CA THR A 392 -42.92 4.61 2.70
C THR A 392 -43.92 4.90 1.62
N ASP A 393 -43.43 4.73 0.39
CA ASP A 393 -44.18 4.98 -0.83
C ASP A 393 -44.85 6.33 -0.78
N THR A 394 -44.12 7.32 -0.30
CA THR A 394 -44.65 8.65 -0.08
C THR A 394 -43.87 9.70 -0.86
N PRO A 395 -44.54 10.58 -1.63
CA PRO A 395 -43.94 11.65 -2.38
C PRO A 395 -43.42 12.73 -1.46
N ILE A 396 -42.42 13.45 -1.94
CA ILE A 396 -41.82 14.55 -1.21
C ILE A 396 -42.19 15.89 -1.82
N SER A 397 -42.60 16.83 -1.00
CA SER A 397 -43.01 18.14 -1.49
C SER A 397 -42.41 19.25 -0.64
N GLN A 398 -42.47 20.48 -1.17
CA GLN A 398 -41.95 21.64 -0.47
C GLN A 398 -43.06 22.60 -0.08
N SER A 399 -42.82 23.37 0.98
CA SER A 399 -43.76 24.37 1.47
C SER A 399 -43.50 25.76 0.89
N LEU A 400 -42.53 25.81 -0.02
CA LEU A 400 -42.08 27.03 -0.68
C LEU A 400 -41.34 27.94 0.28
N GLY A 401 -40.89 29.10 -0.22
CA GLY A 401 -40.07 30.02 0.58
C GLY A 401 -38.59 29.67 0.44
N THR A 402 -38.33 28.66 -0.38
CA THR A 402 -36.99 28.16 -0.63
C THR A 402 -36.93 27.41 -1.94
N THR A 403 -35.75 27.33 -2.53
CA THR A 403 -35.54 26.55 -3.72
C THR A 403 -34.82 25.24 -3.38
N VAL A 404 -34.28 25.15 -2.18
CA VAL A 404 -33.55 23.95 -1.77
C VAL A 404 -34.09 23.39 -0.46
N SER A 405 -34.47 22.11 -0.46
CA SER A 405 -34.93 21.50 0.78
C SER A 405 -34.02 20.39 1.23
N LEU A 406 -33.93 20.21 2.55
CA LEU A 406 -33.15 19.14 3.14
C LEU A 406 -34.03 17.97 3.49
N LEU A 407 -33.69 16.79 2.99
CA LEU A 407 -34.52 15.62 3.22
C LEU A 407 -34.19 14.99 4.57
N ASP A 408 -35.22 14.49 5.25
CA ASP A 408 -35.08 13.90 6.58
C ASP A 408 -34.74 12.41 6.56
N ASN A 409 -33.52 12.07 6.98
CA ASN A 409 -33.00 10.70 6.93
C ASN A 409 -33.68 9.76 7.92
N LYS A 410 -34.56 10.29 8.75
CA LYS A 410 -35.26 9.46 9.73
C LYS A 410 -36.51 8.81 9.15
N LYS A 411 -36.86 9.13 7.90
CA LYS A 411 -38.08 8.55 7.32
C LYS A 411 -37.84 7.27 6.51
N CYS A 412 -36.75 7.22 5.72
CA CYS A 412 -36.41 6.10 4.84
C CYS A 412 -34.92 6.09 4.55
N LEU A 413 -34.44 4.97 4.02
CA LEU A 413 -33.03 4.84 3.68
C LEU A 413 -32.75 5.23 2.23
N VAL A 414 -33.74 5.10 1.38
CA VAL A 414 -33.52 5.38 -0.04
C VAL A 414 -34.44 6.46 -0.57
N TYR A 415 -33.83 7.45 -1.19
CA TYR A 415 -34.58 8.54 -1.81
C TYR A 415 -34.50 8.44 -3.31
N GLN A 416 -35.51 8.93 -3.98
CA GLN A 416 -35.42 9.09 -5.40
C GLN A 416 -35.52 10.55 -5.74
N VAL A 417 -34.53 11.06 -6.47
CA VAL A 417 -34.57 12.44 -6.93
C VAL A 417 -34.46 12.42 -8.44
N GLY A 418 -35.54 12.74 -9.13
CA GLY A 418 -35.51 12.58 -10.57
C GLY A 418 -35.40 11.10 -10.91
N ASP A 419 -34.36 10.73 -11.64
CA ASP A 419 -34.16 9.34 -12.04
C ASP A 419 -33.08 8.62 -11.22
N ILE A 420 -32.56 9.28 -10.20
CA ILE A 420 -31.44 8.74 -9.42
C ILE A 420 -31.84 8.28 -8.02
N LEU A 421 -31.46 7.05 -7.69
CA LEU A 421 -31.73 6.50 -6.36
C LEU A 421 -30.54 6.71 -5.45
N ILE A 422 -30.79 7.40 -4.33
CA ILE A 422 -29.75 7.74 -3.37
C ILE A 422 -29.92 6.97 -2.07
N SER A 423 -28.94 6.14 -1.74
CA SER A 423 -28.98 5.35 -0.52
C SER A 423 -28.23 6.06 0.60
N VAL A 424 -28.36 5.55 1.82
CA VAL A 424 -27.64 6.14 2.95
C VAL A 424 -26.78 5.10 3.66
N GLY A 425 -25.82 5.59 4.43
CA GLY A 425 -24.87 4.75 5.14
C GLY A 425 -25.44 4.07 6.39
N SER A 426 -26.20 3.01 6.19
CA SER A 426 -26.79 2.26 7.30
C SER A 426 -25.72 1.44 8.03
N TYR A 427 -26.06 0.96 9.23
CA TYR A 427 -25.14 0.15 10.02
C TYR A 427 -25.41 -1.34 9.90
N LEU A 428 -24.35 -2.10 9.71
CA LEU A 428 -24.42 -3.56 9.61
C LEU A 428 -23.90 -4.17 10.92
N GLY A 429 -24.39 -5.35 11.27
CA GLY A 429 -24.07 -5.96 12.56
C GLY A 429 -22.59 -6.32 12.76
N GLU A 430 -22.19 -6.33 14.03
CA GLU A 430 -20.84 -6.67 14.46
C GLU A 430 -20.49 -8.15 14.30
N GLY A 431 -19.27 -8.43 13.85
CA GLY A 431 -18.79 -9.80 13.70
C GLY A 431 -17.39 -9.97 14.32
N GLU A 432 -16.79 -11.13 14.09
CA GLU A 432 -15.46 -11.39 14.65
C GLU A 432 -14.66 -12.37 13.81
N TYR A 433 -13.34 -12.29 13.95
CA TYR A 433 -12.40 -13.21 13.32
C TYR A 433 -11.56 -13.88 14.38
N SER A 434 -11.52 -15.20 14.38
CA SER A 434 -10.75 -15.92 15.39
C SER A 434 -10.41 -17.34 14.99
N ALA A 435 -9.47 -17.93 15.70
CA ALA A 435 -9.09 -19.33 15.53
C ALA A 435 -10.04 -20.24 16.28
N ASP A 436 -10.19 -21.47 15.79
CA ASP A 436 -10.93 -22.48 16.53
C ASP A 436 -10.19 -22.79 17.82
N ASN A 437 -10.92 -23.10 18.87
CA ASN A 437 -10.30 -23.47 20.14
C ASN A 437 -9.54 -24.77 19.98
N VAL A 438 -8.38 -24.86 20.61
CA VAL A 438 -7.54 -26.03 20.51
C VAL A 438 -7.35 -26.74 21.83
N GLU A 439 -7.59 -28.04 21.84
CA GLU A 439 -7.36 -28.83 23.03
C GLU A 439 -6.15 -29.73 22.84
N LEU A 440 -5.25 -29.73 23.81
CA LEU A 440 -4.06 -30.56 23.72
C LEU A 440 -4.23 -31.84 24.51
N GLY A 441 -3.65 -32.92 24.01
CA GLY A 441 -3.63 -34.16 24.76
C GLY A 441 -2.38 -34.21 25.62
N PRO A 442 -2.27 -35.18 26.52
CA PRO A 442 -1.13 -35.41 27.38
C PRO A 442 0.03 -36.00 26.59
N PRO A 443 1.25 -35.88 27.09
CA PRO A 443 2.45 -36.51 26.60
C PRO A 443 2.44 -37.99 26.93
N VAL A 444 3.19 -38.76 26.18
CA VAL A 444 3.38 -40.14 26.55
C VAL A 444 4.40 -40.20 27.66
N VAL A 445 4.06 -40.84 28.76
CA VAL A 445 4.96 -40.89 29.89
C VAL A 445 5.39 -42.33 30.18
N ILE A 446 6.69 -42.52 30.24
CA ILE A 446 7.26 -43.82 30.53
C ILE A 446 7.32 -44.02 32.04
N ASP A 447 6.79 -45.16 32.48
CA ASP A 447 6.79 -45.54 33.88
C ASP A 447 8.16 -45.96 34.35
N LYS A 448 8.38 -45.88 35.65
CA LYS A 448 9.66 -46.29 36.22
C LYS A 448 9.74 -47.81 36.23
N ILE A 449 10.96 -48.34 36.24
CA ILE A 449 11.14 -49.79 36.32
C ILE A 449 11.32 -50.19 37.77
N ASP A 450 10.37 -50.94 38.31
CA ASP A 450 10.42 -51.31 39.72
C ASP A 450 10.40 -52.81 39.90
N ILE A 451 11.55 -53.34 40.28
CA ILE A 451 11.73 -54.77 40.50
C ILE A 451 12.13 -55.03 41.95
N GLY A 452 11.92 -54.05 42.82
CA GLY A 452 12.36 -54.18 44.20
C GLY A 452 11.73 -55.38 44.89
N ASN A 453 10.48 -55.68 44.53
CA ASN A 453 9.76 -56.80 45.10
C ASN A 453 10.32 -58.15 44.65
N GLN A 454 10.97 -58.17 43.49
CA GLN A 454 11.53 -59.43 43.01
C GLN A 454 12.92 -59.63 43.56
N LEU A 455 13.71 -58.55 43.61
CA LEU A 455 15.08 -58.66 44.09
C LEU A 455 15.09 -59.10 45.54
N ALA A 456 14.10 -58.63 46.29
CA ALA A 456 13.94 -58.95 47.69
C ALA A 456 13.77 -60.45 47.92
N GLY A 457 13.24 -61.16 46.94
CA GLY A 457 12.98 -62.59 47.08
C GLY A 457 14.17 -63.43 46.62
N ILE A 458 15.21 -62.76 46.12
CA ILE A 458 16.38 -63.47 45.63
C ILE A 458 17.52 -63.38 46.67
N ASN A 459 17.76 -62.16 47.20
CA ASN A 459 18.79 -61.79 48.18
C ASN A 459 19.10 -62.95 49.14
N LEU B 23 12.37 31.84 -22.15
CA LEU B 23 11.95 32.21 -20.80
C LEU B 23 13.11 32.93 -20.07
N HIS B 24 12.91 34.22 -19.74
CA HIS B 24 13.92 35.10 -19.12
C HIS B 24 13.53 35.43 -17.69
N TYR B 25 14.25 34.86 -16.73
CA TYR B 25 13.86 34.95 -15.32
C TYR B 25 14.22 36.27 -14.64
N ASP B 26 15.32 36.89 -15.05
CA ASP B 26 15.79 38.09 -14.37
C ASP B 26 14.74 39.20 -14.37
N SER B 27 13.98 39.30 -15.45
CA SER B 27 12.98 40.34 -15.59
C SER B 27 11.63 39.93 -15.02
N LEU B 28 11.49 38.67 -14.63
CA LEU B 28 10.26 38.19 -14.01
C LEU B 28 10.36 38.30 -12.50
N SER B 29 11.58 38.23 -11.99
CA SER B 29 11.81 38.34 -10.56
C SER B 29 11.26 39.67 -10.04
N LYS B 30 11.46 40.73 -10.80
CA LYS B 30 11.03 42.07 -10.41
C LYS B 30 9.54 42.29 -10.61
N VAL B 31 8.86 41.27 -11.10
CA VAL B 31 7.44 41.29 -11.35
C VAL B 31 6.75 40.39 -10.31
N GLY B 32 7.55 39.77 -9.43
CA GLY B 32 7.02 38.91 -8.38
C GLY B 32 6.98 37.43 -8.74
N ILE B 33 7.62 37.01 -9.83
CA ILE B 33 7.59 35.60 -10.19
C ILE B 33 8.91 34.89 -9.92
N ILE B 34 8.85 33.90 -9.06
CA ILE B 34 10.02 33.15 -8.62
C ILE B 34 10.18 31.84 -9.36
N LYS B 35 11.38 31.57 -9.87
CA LYS B 35 11.65 30.32 -10.56
C LYS B 35 11.48 29.13 -9.61
N GLY B 36 10.69 28.15 -10.02
CA GLY B 36 10.44 26.96 -9.21
C GLY B 36 11.18 25.73 -9.73
N LEU B 37 10.59 24.57 -9.51
CA LEU B 37 11.21 23.29 -9.84
C LEU B 37 11.16 22.97 -11.33
N THR B 38 12.18 22.23 -11.79
CA THR B 38 12.29 21.85 -13.20
C THR B 38 12.12 20.35 -13.36
N TYR B 39 11.26 19.96 -14.31
CA TYR B 39 11.00 18.55 -14.57
C TYR B 39 11.15 18.18 -16.04
N ASN B 40 11.52 16.94 -16.33
CA ASN B 40 11.50 16.51 -17.73
C ASN B 40 10.07 16.13 -18.11
N TYR B 41 9.85 15.76 -19.37
CA TYR B 41 8.50 15.46 -19.82
C TYR B 41 8.43 14.14 -20.58
N LYS B 42 7.57 13.23 -20.10
CA LYS B 42 7.45 11.91 -20.69
C LYS B 42 6.01 11.52 -20.99
N ILE B 43 5.83 10.72 -22.02
CA ILE B 43 4.54 10.22 -22.43
C ILE B 43 4.43 8.70 -22.24
N LYS B 44 3.40 8.27 -21.53
CA LYS B 44 3.18 6.87 -21.21
C LYS B 44 2.32 6.15 -22.25
N GLY B 45 2.82 5.03 -22.77
CA GLY B 45 2.08 4.22 -23.75
C GLY B 45 1.65 2.88 -23.14
N SER B 46 1.20 1.95 -24.00
CA SER B 46 0.74 0.65 -23.55
C SER B 46 1.89 -0.15 -22.93
N PRO B 47 1.66 -0.86 -21.81
CA PRO B 47 2.61 -1.68 -21.09
C PRO B 47 2.91 -3.00 -21.76
N SER B 48 4.11 -3.52 -21.50
CA SER B 48 4.49 -4.87 -21.90
C SER B 48 3.95 -5.84 -20.86
N THR B 49 3.54 -7.01 -21.28
CA THR B 49 2.96 -7.95 -20.33
C THR B 49 3.76 -9.22 -20.16
N LYS B 50 3.94 -9.65 -18.91
CA LYS B 50 4.63 -10.90 -18.61
C LYS B 50 3.87 -11.69 -17.54
N LEU B 51 3.63 -12.98 -17.79
CA LEU B 51 2.88 -13.81 -16.85
C LEU B 51 3.77 -14.68 -15.99
N MET B 52 3.53 -14.69 -14.69
CA MET B 52 4.26 -15.56 -13.79
C MET B 52 3.35 -16.40 -12.90
N VAL B 53 3.68 -17.68 -12.79
CA VAL B 53 2.93 -18.58 -11.91
C VAL B 53 3.66 -18.76 -10.60
N VAL B 54 2.97 -18.52 -9.50
CA VAL B 54 3.56 -18.64 -8.18
C VAL B 54 3.01 -19.85 -7.44
N LYS B 55 3.90 -20.74 -7.02
CA LYS B 55 3.48 -21.96 -6.35
C LYS B 55 3.67 -21.84 -4.83
N LEU B 56 2.59 -22.00 -4.07
CA LEU B 56 2.65 -21.79 -2.63
C LEU B 56 2.95 -23.06 -1.85
N ILE B 57 2.73 -24.22 -2.45
CA ILE B 57 3.01 -25.46 -1.76
C ILE B 57 4.20 -26.16 -2.41
N PRO B 58 5.34 -26.30 -1.71
CA PRO B 58 6.57 -26.87 -2.19
C PRO B 58 6.42 -28.37 -2.31
N ASN B 59 7.26 -28.98 -3.14
CA ASN B 59 7.23 -30.43 -3.29
C ASN B 59 8.17 -31.10 -2.33
N ILE B 60 7.64 -31.68 -1.27
CA ILE B 60 8.47 -32.36 -0.29
C ILE B 60 8.10 -33.83 -0.36
N ASP B 61 9.08 -34.68 -0.57
CA ASP B 61 8.81 -36.10 -0.70
C ASP B 61 9.80 -36.93 0.07
N GLY B 62 9.41 -38.16 0.33
CA GLY B 62 10.23 -39.11 1.06
C GLY B 62 9.68 -39.28 2.46
N VAL B 63 9.66 -40.52 2.92
CA VAL B 63 9.17 -40.85 4.25
C VAL B 63 7.91 -40.04 4.61
N ARG B 64 6.92 -40.05 3.70
CA ARG B 64 5.71 -39.25 3.89
C ARG B 64 4.98 -39.52 5.20
N ASN B 65 5.02 -40.77 5.70
CA ASN B 65 4.38 -41.18 6.96
C ASN B 65 4.95 -40.45 8.19
N CYS B 66 6.16 -39.89 8.07
CA CYS B 66 6.90 -39.23 9.13
C CYS B 66 6.56 -37.73 9.16
N THR B 67 6.52 -37.10 7.98
CA THR B 67 6.23 -35.66 7.85
C THR B 67 4.73 -35.28 7.78
N GLN B 68 3.90 -36.18 7.24
CA GLN B 68 2.49 -35.95 6.93
C GLN B 68 1.75 -34.92 7.77
N LYS B 69 1.78 -35.05 9.09
CA LYS B 69 0.93 -34.21 9.94
C LYS B 69 1.19 -32.71 9.78
N GLN B 70 2.46 -32.32 9.65
CA GLN B 70 2.80 -30.90 9.55
C GLN B 70 2.52 -30.40 8.16
N PHE B 71 2.64 -31.28 7.18
CA PHE B 71 2.40 -30.88 5.81
C PHE B 71 0.92 -30.52 5.66
N ASP B 72 0.03 -31.32 6.26
CA ASP B 72 -1.39 -31.04 6.17
C ASP B 72 -1.80 -29.73 6.85
N GLU B 73 -1.22 -29.40 8.00
CA GLU B 73 -1.58 -28.12 8.61
C GLU B 73 -1.15 -26.97 7.71
N TYR B 74 0.01 -27.10 7.08
CA TYR B 74 0.46 -26.07 6.16
C TYR B 74 -0.54 -25.87 5.03
N LYS B 75 -1.00 -26.97 4.44
CA LYS B 75 -1.95 -26.87 3.35
C LYS B 75 -3.19 -26.10 3.75
N ASN B 76 -3.64 -26.25 5.00
CA ASN B 76 -4.81 -25.49 5.45
C ASN B 76 -4.53 -24.00 5.50
N LEU B 77 -3.29 -23.62 5.81
CA LEU B 77 -2.93 -22.21 5.81
C LEU B 77 -3.07 -21.65 4.41
N VAL B 78 -2.56 -22.39 3.44
CA VAL B 78 -2.62 -21.95 2.05
C VAL B 78 -4.06 -21.84 1.58
N LYS B 79 -4.89 -22.82 1.91
CA LYS B 79 -6.30 -22.78 1.52
C LYS B 79 -7.02 -21.56 2.07
N ASN B 80 -6.76 -21.22 3.33
CA ASN B 80 -7.43 -20.08 3.94
C ASN B 80 -7.03 -18.76 3.28
N VAL B 81 -5.83 -18.69 2.73
CA VAL B 81 -5.38 -17.49 2.04
C VAL B 81 -5.92 -17.41 0.61
N LEU B 82 -5.90 -18.53 -0.12
CA LEU B 82 -6.32 -18.54 -1.53
C LEU B 82 -7.82 -18.68 -1.79
N GLU B 83 -8.56 -19.36 -0.93
CA GLU B 83 -9.97 -19.55 -1.25
C GLU B 83 -10.73 -18.24 -1.52
N PRO B 84 -10.56 -17.16 -0.72
CA PRO B 84 -11.18 -15.86 -0.92
C PRO B 84 -10.79 -15.19 -2.23
N VAL B 85 -9.66 -15.60 -2.80
CA VAL B 85 -9.24 -15.02 -4.06
C VAL B 85 -10.05 -15.70 -5.14
N LYS B 86 -10.19 -17.02 -5.04
CA LYS B 86 -10.99 -17.75 -6.02
C LYS B 86 -12.44 -17.28 -6.00
N LEU B 87 -12.98 -17.06 -4.80
CA LEU B 87 -14.36 -16.65 -4.70
C LEU B 87 -14.58 -15.27 -5.31
N ALA B 88 -13.65 -14.35 -5.06
CA ALA B 88 -13.77 -13.02 -5.62
C ALA B 88 -13.67 -13.05 -7.14
N LEU B 89 -12.79 -13.89 -7.68
CA LEU B 89 -12.62 -13.96 -9.12
C LEU B 89 -13.88 -14.50 -9.78
N ASN B 90 -14.56 -15.44 -9.13
CA ASN B 90 -15.78 -15.98 -9.69
C ASN B 90 -16.89 -14.92 -9.68
N ALA B 91 -16.98 -14.14 -8.61
CA ALA B 91 -17.99 -13.10 -8.51
C ALA B 91 -17.79 -12.07 -9.62
N MET B 92 -16.53 -11.83 -9.97
CA MET B 92 -16.12 -10.87 -10.97
C MET B 92 -15.79 -11.53 -12.31
N LEU B 93 -16.30 -12.74 -12.55
CA LEU B 93 -15.93 -13.49 -13.74
C LEU B 93 -16.07 -12.71 -15.04
N ASP B 94 -17.09 -11.86 -15.15
CA ASP B 94 -17.33 -11.12 -16.38
C ASP B 94 -16.47 -9.86 -16.51
N ASN B 95 -15.73 -9.52 -15.46
CA ASN B 95 -14.92 -8.31 -15.45
C ASN B 95 -13.41 -8.58 -15.43
N VAL B 96 -13.01 -9.79 -15.02
CA VAL B 96 -11.60 -10.12 -14.98
C VAL B 96 -11.08 -10.31 -16.40
N LYS B 97 -10.00 -9.61 -16.73
CA LYS B 97 -9.45 -9.59 -18.09
C LYS B 97 -9.06 -10.93 -18.70
N SER B 98 -8.55 -11.88 -17.89
CA SER B 98 -8.14 -13.21 -18.36
C SER B 98 -8.63 -14.29 -17.39
N ALA B 159 18.36 -69.84 42.42
CA ALA B 159 18.58 -68.39 42.41
C ALA B 159 18.82 -67.86 40.98
N ASN B 160 19.49 -68.67 40.14
CA ASN B 160 19.86 -68.26 38.77
C ASN B 160 18.64 -68.03 37.89
N LYS B 161 17.60 -68.81 38.09
CA LYS B 161 16.39 -68.63 37.30
C LYS B 161 15.69 -67.34 37.67
N GLN B 162 15.76 -66.97 38.95
CA GLN B 162 15.13 -65.74 39.40
C GLN B 162 15.89 -64.56 38.83
N THR B 163 17.22 -64.70 38.77
CA THR B 163 18.07 -63.65 38.22
C THR B 163 17.74 -63.43 36.76
N LEU B 164 17.57 -64.51 36.00
CA LEU B 164 17.24 -64.38 34.59
C LEU B 164 15.88 -63.73 34.42
N ALA B 165 14.94 -64.05 35.31
CA ALA B 165 13.61 -63.46 35.25
C ALA B 165 13.68 -61.94 35.42
N VAL B 166 14.58 -61.49 36.31
CA VAL B 166 14.75 -60.06 36.53
C VAL B 166 15.32 -59.40 35.28
N ILE B 167 16.31 -60.05 34.68
CA ILE B 167 16.95 -59.51 33.49
C ILE B 167 15.95 -59.39 32.35
N ASP B 168 15.14 -60.42 32.15
CA ASP B 168 14.16 -60.41 31.08
C ASP B 168 13.07 -59.37 31.35
N THR B 169 12.70 -59.18 32.61
CA THR B 169 11.71 -58.16 32.94
C THR B 169 12.24 -56.78 32.56
N ILE B 170 13.50 -56.51 32.89
CA ILE B 170 14.06 -55.21 32.53
C ILE B 170 14.12 -55.06 31.03
N ARG B 171 14.54 -56.11 30.34
CA ARG B 171 14.59 -56.07 28.90
C ARG B 171 13.22 -55.75 28.33
N GLY B 172 12.19 -56.34 28.91
CA GLY B 172 10.82 -56.10 28.50
C GLY B 172 10.49 -54.63 28.55
N GLU B 173 10.63 -54.00 29.72
CA GLU B 173 10.34 -52.58 29.81
C GLU B 173 11.15 -51.73 28.83
N ILE B 174 12.41 -52.10 28.58
CA ILE B 174 13.17 -51.32 27.62
C ILE B 174 12.60 -51.51 26.23
N ASN B 175 12.34 -52.75 25.87
CA ASN B 175 11.91 -53.12 24.54
C ASN B 175 10.47 -52.71 24.21
N ASN B 176 9.60 -52.66 25.22
CA ASN B 176 8.21 -52.30 24.99
C ASN B 176 7.87 -50.84 25.29
N ASN B 177 8.61 -50.19 26.18
CA ASN B 177 8.29 -48.81 26.53
C ASN B 177 9.33 -47.82 26.00
N ILE B 178 10.58 -48.00 26.42
CA ILE B 178 11.60 -47.02 26.07
C ILE B 178 11.92 -46.95 24.59
N ILE B 179 12.15 -48.08 23.94
CA ILE B 179 12.53 -48.01 22.55
C ILE B 179 11.42 -47.42 21.64
N PRO B 180 10.16 -47.89 21.68
CA PRO B 180 9.06 -47.35 20.90
C PRO B 180 8.88 -45.85 21.09
N VAL B 181 9.07 -45.34 22.29
CA VAL B 181 8.93 -43.91 22.50
C VAL B 181 10.04 -43.13 21.81
N ILE B 182 11.27 -43.62 21.93
CA ILE B 182 12.37 -42.92 21.31
C ILE B 182 12.20 -42.90 19.80
N ASN B 183 11.78 -44.02 19.22
CA ASN B 183 11.60 -44.05 17.78
C ASN B 183 10.51 -43.08 17.33
N GLN B 184 9.45 -42.93 18.14
CA GLN B 184 8.41 -41.97 17.79
C GLN B 184 8.94 -40.54 17.85
N LEU B 185 9.79 -40.26 18.85
CA LEU B 185 10.35 -38.92 18.98
C LEU B 185 11.21 -38.58 17.78
N SER B 186 11.87 -39.58 17.18
CA SER B 186 12.69 -39.31 16.01
C SER B 186 11.87 -38.75 14.84
N CYS B 187 10.65 -39.30 14.59
CA CYS B 187 9.78 -38.73 13.55
C CYS B 187 9.03 -37.50 13.97
N ASP B 188 8.84 -37.30 15.26
CA ASP B 188 8.21 -36.06 15.66
C ASP B 188 9.18 -34.93 15.33
N THR B 189 10.47 -35.20 15.53
CA THR B 189 11.53 -34.24 15.23
C THR B 189 11.59 -33.89 13.75
N ILE B 190 11.54 -34.91 12.88
CA ILE B 190 11.54 -34.65 11.44
C ILE B 190 10.32 -33.86 11.03
N GLY B 191 9.17 -34.22 11.57
CA GLY B 191 7.93 -33.52 11.27
C GLY B 191 8.07 -32.04 11.60
N LEU B 192 8.53 -31.73 12.80
CA LEU B 192 8.65 -30.34 13.23
C LEU B 192 9.65 -29.59 12.36
N SER B 193 10.73 -30.25 11.93
CA SER B 193 11.70 -29.60 11.08
C SER B 193 11.07 -29.18 9.76
N VAL B 194 10.26 -30.07 9.18
CA VAL B 194 9.56 -29.74 7.95
C VAL B 194 8.57 -28.61 8.17
N GLY B 195 7.85 -28.65 9.30
CA GLY B 195 6.88 -27.61 9.61
C GLY B 195 7.52 -26.23 9.65
N ILE B 196 8.71 -26.11 10.25
CA ILE B 196 9.38 -24.82 10.29
C ILE B 196 9.79 -24.37 8.90
N LYS B 197 10.33 -25.29 8.11
CA LYS B 197 10.78 -24.96 6.77
C LYS B 197 9.62 -24.46 5.90
N LEU B 198 8.47 -25.11 6.02
CA LEU B 198 7.29 -24.71 5.26
C LEU B 198 6.80 -23.34 5.67
N THR B 199 6.84 -23.06 6.96
CA THR B 199 6.39 -21.78 7.47
C THR B 199 7.25 -20.66 6.91
N GLN B 200 8.57 -20.87 6.88
CA GLN B 200 9.47 -19.86 6.34
C GLN B 200 9.22 -19.62 4.85
N TYR B 201 8.96 -20.69 4.10
CA TYR B 201 8.67 -20.51 2.69
C TYR B 201 7.46 -19.61 2.50
N TYR B 202 6.41 -19.85 3.27
CA TYR B 202 5.24 -18.99 3.16
C TYR B 202 5.63 -17.53 3.42
N SER B 203 6.43 -17.30 4.46
CA SER B 203 6.85 -15.93 4.79
C SER B 203 7.59 -15.29 3.61
N GLU B 204 8.40 -16.06 2.88
CA GLU B 204 9.10 -15.50 1.73
C GLU B 204 8.11 -15.05 0.67
N ILE B 205 7.09 -15.88 0.41
CA ILE B 205 6.03 -15.52 -0.54
C ILE B 205 5.23 -14.34 -0.04
N LEU B 206 4.92 -14.31 1.23
CA LEU B 206 4.14 -13.22 1.78
C LEU B 206 4.89 -11.91 1.57
N THR B 207 6.21 -11.95 1.66
CA THR B 207 7.02 -10.76 1.45
C THR B 207 6.99 -10.31 -0.01
N ALA B 208 7.21 -11.23 -0.95
CA ALA B 208 7.33 -10.86 -2.36
C ALA B 208 5.99 -10.70 -3.09
N PHE B 209 5.03 -11.58 -2.83
CA PHE B 209 3.76 -11.55 -3.54
C PHE B 209 2.61 -11.23 -2.61
N GLY B 210 2.94 -10.64 -1.48
CA GLY B 210 1.95 -10.29 -0.47
C GLY B 210 0.76 -9.55 -1.07
N PRO B 211 0.99 -8.37 -1.66
CA PRO B 211 -0.01 -7.54 -2.30
C PRO B 211 -0.86 -8.30 -3.31
N ALA B 212 -0.26 -9.26 -4.03
CA ALA B 212 -1.02 -9.99 -5.04
C ALA B 212 -2.13 -10.80 -4.39
N LEU B 213 -1.82 -11.40 -3.25
CA LEU B 213 -2.78 -12.22 -2.53
C LEU B 213 -3.82 -11.36 -1.84
N GLN B 214 -3.38 -10.24 -1.30
CA GLN B 214 -4.26 -9.34 -0.56
C GLN B 214 -5.28 -8.63 -1.43
N ASN B 215 -4.87 -8.22 -2.62
CA ASN B 215 -5.73 -7.46 -3.52
C ASN B 215 -5.66 -8.00 -4.94
N PRO B 216 -6.55 -8.92 -5.33
CA PRO B 216 -6.54 -9.59 -6.62
C PRO B 216 -6.51 -8.61 -7.80
N VAL B 217 -7.01 -7.39 -7.60
CA VAL B 217 -7.06 -6.41 -8.67
C VAL B 217 -6.20 -5.17 -8.39
N ASN B 218 -5.38 -4.80 -9.38
CA ASN B 218 -4.54 -3.60 -9.38
C ASN B 218 -3.54 -3.44 -8.23
N THR B 219 -2.61 -4.38 -8.11
CA THR B 219 -1.61 -4.30 -7.06
C THR B 219 -0.34 -3.62 -7.50
N ARG B 220 0.47 -3.22 -6.52
CA ARG B 220 1.79 -2.68 -6.78
C ARG B 220 2.80 -3.81 -6.67
N ILE B 221 3.63 -3.97 -7.69
CA ILE B 221 4.58 -5.07 -7.71
C ILE B 221 5.85 -4.73 -6.94
N THR B 222 6.26 -5.67 -6.09
CA THR B 222 7.44 -5.52 -5.24
C THR B 222 8.72 -5.73 -5.99
N ILE B 223 9.83 -5.32 -5.39
CA ILE B 223 11.13 -5.50 -6.02
C ILE B 223 11.52 -6.97 -6.05
N GLN B 224 11.09 -7.75 -5.06
CA GLN B 224 11.43 -9.16 -5.07
C GLN B 224 10.73 -9.86 -6.23
N ALA B 225 9.47 -9.50 -6.47
CA ALA B 225 8.73 -10.10 -7.57
C ALA B 225 9.39 -9.74 -8.91
N ILE B 226 9.87 -8.51 -9.04
CA ILE B 226 10.51 -8.08 -10.28
C ILE B 226 11.82 -8.81 -10.54
N SER B 227 12.65 -8.95 -9.51
CA SER B 227 13.91 -9.63 -9.73
C SER B 227 13.67 -11.10 -10.07
N SER B 228 12.58 -11.68 -9.55
CA SER B 228 12.25 -13.06 -9.89
C SER B 228 11.94 -13.16 -11.37
N VAL B 229 11.16 -12.21 -11.86
CA VAL B 229 10.75 -12.15 -13.26
C VAL B 229 11.93 -12.10 -14.22
N PHE B 230 12.96 -11.33 -13.86
CA PHE B 230 14.13 -11.20 -14.72
C PHE B 230 15.34 -12.02 -14.27
N ASN B 231 15.13 -13.02 -13.43
CA ASN B 231 16.21 -13.91 -12.99
C ASN B 231 17.38 -13.18 -12.33
N ARG B 232 17.07 -12.20 -11.49
CA ARG B 232 18.06 -11.42 -10.75
C ARG B 232 19.10 -10.79 -11.64
N ASN B 233 18.66 -10.24 -12.76
CA ASN B 233 19.54 -9.57 -13.68
C ASN B 233 18.92 -8.25 -14.14
N PHE B 234 19.37 -7.16 -13.52
CA PHE B 234 18.80 -5.87 -13.83
C PHE B 234 19.39 -5.25 -15.08
N ASP B 235 20.41 -5.88 -15.65
CA ASP B 235 20.95 -5.35 -16.89
C ASP B 235 20.01 -5.79 -18.00
N GLU B 236 19.54 -7.04 -17.89
CA GLU B 236 18.56 -7.57 -18.82
C GLU B 236 17.27 -6.79 -18.72
N LEU B 237 16.85 -6.47 -17.50
CA LEU B 237 15.62 -5.72 -17.29
C LEU B 237 15.66 -4.42 -18.05
N LEU B 238 16.74 -3.67 -17.86
CA LEU B 238 16.84 -2.36 -18.49
C LEU B 238 16.92 -2.49 -20.00
N LYS B 239 17.67 -3.48 -20.49
CA LYS B 239 17.86 -3.67 -21.92
C LYS B 239 16.56 -3.99 -22.65
N ILE B 240 15.76 -4.89 -22.10
CA ILE B 240 14.51 -5.28 -22.75
C ILE B 240 13.51 -4.15 -22.79
N MET B 241 13.36 -3.46 -21.66
CA MET B 241 12.41 -2.36 -21.60
C MET B 241 12.90 -1.09 -22.26
N GLY B 242 14.22 -0.92 -22.38
CA GLY B 242 14.76 0.30 -22.95
C GLY B 242 14.80 1.41 -21.92
N TYR B 243 14.98 1.02 -20.68
CA TYR B 243 15.02 1.95 -19.56
C TYR B 243 16.44 2.41 -19.27
N THR B 244 16.56 3.63 -18.81
CA THR B 244 17.84 4.08 -18.26
C THR B 244 17.74 3.94 -16.75
N SER B 245 18.84 4.10 -16.04
CA SER B 245 18.76 3.97 -14.58
C SER B 245 17.79 4.97 -13.98
N GLY B 246 17.68 6.13 -14.62
CA GLY B 246 16.76 7.18 -14.19
C GLY B 246 15.30 6.76 -14.33
N ASP B 247 14.99 5.86 -15.27
CA ASP B 247 13.61 5.48 -15.48
C ASP B 247 13.25 4.43 -14.47
N LEU B 248 14.20 3.56 -14.15
CA LEU B 248 13.89 2.52 -13.18
C LEU B 248 13.59 3.18 -11.85
N TYR B 249 14.36 4.20 -11.51
CA TYR B 249 14.17 4.89 -10.24
C TYR B 249 12.80 5.56 -10.17
N GLU B 250 12.43 6.36 -11.16
CA GLU B 250 11.16 7.07 -11.06
C GLU B 250 9.96 6.13 -11.21
N ILE B 251 10.12 5.04 -11.94
CA ILE B 251 9.06 4.04 -12.06
C ILE B 251 8.78 3.37 -10.72
N LEU B 252 9.83 2.99 -10.00
CA LEU B 252 9.63 2.40 -8.69
C LEU B 252 9.06 3.42 -7.70
N HIS B 253 9.49 4.67 -7.84
CA HIS B 253 9.02 5.78 -6.98
C HIS B 253 7.52 5.99 -7.11
N SER B 254 7.03 6.06 -8.35
CA SER B 254 5.61 6.26 -8.58
C SER B 254 4.80 4.99 -8.41
N GLY B 255 5.43 3.83 -8.60
CA GLY B 255 4.72 2.57 -8.48
C GLY B 255 3.94 2.28 -9.75
N LEU B 256 4.58 2.48 -10.89
CA LEU B 256 3.89 2.28 -12.17
C LEU B 256 3.89 0.84 -12.66
N ILE B 257 4.54 -0.07 -11.93
CA ILE B 257 4.51 -1.48 -12.33
C ILE B 257 3.41 -2.14 -11.53
N ARG B 258 2.41 -2.65 -12.24
CA ARG B 258 1.20 -3.15 -11.60
C ARG B 258 0.86 -4.55 -12.07
N GLY B 259 -0.02 -5.23 -11.35
CA GLY B 259 -0.44 -6.54 -11.79
C GLY B 259 -1.74 -7.02 -11.19
N ASN B 260 -2.23 -8.13 -11.73
CA ASN B 260 -3.51 -8.70 -11.34
C ASN B 260 -3.45 -10.21 -11.26
N ILE B 261 -4.25 -10.81 -10.40
CA ILE B 261 -4.39 -12.25 -10.46
C ILE B 261 -5.48 -12.57 -11.45
N ILE B 262 -5.17 -13.42 -12.41
CA ILE B 262 -6.12 -13.75 -13.45
C ILE B 262 -6.82 -15.06 -13.14
N ASP B 263 -6.11 -15.99 -12.52
CA ASP B 263 -6.71 -17.26 -12.14
C ASP B 263 -5.96 -17.89 -10.97
N VAL B 264 -6.66 -18.74 -10.23
CA VAL B 264 -6.03 -19.49 -9.14
C VAL B 264 -6.48 -20.95 -9.11
N ASP B 265 -5.70 -21.78 -8.43
CA ASP B 265 -6.05 -23.16 -8.18
C ASP B 265 -5.79 -23.47 -6.71
N VAL B 266 -6.89 -23.50 -5.95
CA VAL B 266 -6.79 -23.56 -4.49
C VAL B 266 -6.19 -24.88 -4.02
N GLU B 267 -6.59 -25.98 -4.64
CA GLU B 267 -6.09 -27.29 -4.24
C GLU B 267 -4.63 -27.47 -4.58
N ALA B 268 -4.21 -26.96 -5.75
CA ALA B 268 -2.82 -27.06 -6.17
C ALA B 268 -1.93 -26.05 -5.47
N GLY B 269 -2.52 -24.95 -4.99
CA GLY B 269 -1.75 -23.91 -4.34
C GLY B 269 -1.08 -23.00 -5.36
N TYR B 270 -1.71 -22.82 -6.52
CA TYR B 270 -1.12 -21.99 -7.57
C TYR B 270 -1.88 -20.69 -7.77
N ILE B 271 -1.15 -19.61 -8.03
CA ILE B 271 -1.82 -18.40 -8.49
C ILE B 271 -1.16 -17.93 -9.79
N ALA B 272 -1.96 -17.43 -10.72
CA ALA B 272 -1.43 -16.90 -11.97
C ALA B 272 -1.49 -15.38 -11.93
N LEU B 273 -0.31 -14.77 -11.79
CA LEU B 273 -0.15 -13.32 -11.64
C LEU B 273 0.41 -12.67 -12.90
N GLU B 274 -0.34 -11.73 -13.44
CA GLU B 274 0.07 -11.04 -14.65
C GLU B 274 0.63 -9.66 -14.34
N ILE B 275 1.86 -9.40 -14.80
CA ILE B 275 2.55 -8.14 -14.50
C ILE B 275 2.72 -7.24 -15.73
N GLU B 276 2.31 -5.98 -15.56
CA GLU B 276 2.38 -4.97 -16.61
C GLU B 276 3.52 -3.97 -16.40
N PHE B 277 4.46 -3.94 -17.34
CA PHE B 277 5.63 -3.06 -17.28
C PHE B 277 5.47 -1.92 -18.28
N PRO B 278 5.36 -0.67 -17.84
CA PRO B 278 4.99 0.50 -18.63
C PRO B 278 6.05 0.84 -19.65
N ASN B 279 5.63 1.39 -20.78
CA ASN B 279 6.56 1.87 -21.78
C ASN B 279 6.57 3.40 -21.82
N LEU B 280 7.62 4.00 -21.30
CA LEU B 280 7.68 5.44 -21.25
C LEU B 280 8.54 5.97 -22.38
N THR B 281 8.08 7.05 -23.00
CA THR B 281 8.85 7.68 -24.07
C THR B 281 9.21 9.11 -23.68
N LEU B 282 10.45 9.49 -23.97
CA LEU B 282 10.92 10.82 -23.63
C LEU B 282 10.75 11.78 -24.78
N VAL B 283 10.20 12.96 -24.52
CA VAL B 283 10.08 13.96 -25.54
C VAL B 283 11.36 14.80 -25.54
N PRO B 284 12.16 14.80 -26.62
CA PRO B 284 13.44 15.47 -26.69
C PRO B 284 13.34 16.94 -26.36
N ASN B 285 14.22 17.38 -25.47
CA ASN B 285 14.34 18.78 -25.06
C ASN B 285 13.11 19.36 -24.40
N ALA B 286 12.13 18.55 -24.05
CA ALA B 286 10.93 19.09 -23.44
C ALA B 286 11.07 19.22 -21.95
N VAL B 287 11.10 20.46 -21.47
CA VAL B 287 11.30 20.76 -20.07
C VAL B 287 10.17 21.57 -19.46
N VAL B 288 9.63 21.09 -18.35
CA VAL B 288 8.55 21.76 -17.64
C VAL B 288 9.09 22.64 -16.53
N GLN B 289 8.73 23.91 -16.56
CA GLN B 289 9.21 24.84 -15.55
C GLN B 289 8.08 25.42 -14.71
N GLU B 290 8.19 25.25 -13.40
CA GLU B 290 7.25 25.80 -12.44
C GLU B 290 7.53 27.28 -12.17
N LEU B 291 6.46 28.08 -12.11
CA LEU B 291 6.56 29.50 -11.77
C LEU B 291 5.78 29.77 -10.49
N MET B 292 6.38 30.46 -9.53
CA MET B 292 5.72 30.70 -8.25
C MET B 292 5.52 32.19 -7.96
N PRO B 293 4.38 32.79 -8.33
CA PRO B 293 4.09 34.20 -8.14
C PRO B 293 3.81 34.52 -6.68
N ILE B 294 4.36 35.63 -6.20
CA ILE B 294 4.04 36.18 -4.88
C ILE B 294 3.76 37.66 -5.04
N SER B 295 3.21 38.30 -4.02
CA SER B 295 2.94 39.72 -4.09
C SER B 295 4.20 40.57 -4.17
N TYR B 296 4.04 41.78 -4.69
CA TYR B 296 5.12 42.76 -4.76
C TYR B 296 4.54 44.18 -4.75
N ASN B 297 5.39 45.17 -4.51
CA ASN B 297 4.96 46.56 -4.55
C ASN B 297 5.58 47.28 -5.73
N VAL B 298 4.92 48.34 -6.19
CA VAL B 298 5.44 49.14 -7.29
C VAL B 298 5.19 50.63 -7.03
N ASP B 299 4.42 51.31 -7.90
CA ASP B 299 4.16 52.73 -7.71
C ASP B 299 3.40 52.97 -6.42
N GLY B 300 2.56 52.01 -6.06
CA GLY B 300 1.79 52.05 -4.83
C GLY B 300 0.82 50.89 -4.81
N ASP B 301 0.26 50.62 -3.64
CA ASP B 301 -0.66 49.52 -3.43
C ASP B 301 0.09 48.20 -3.56
N GLU B 302 -0.65 47.08 -3.61
CA GLU B 302 -0.04 45.75 -3.68
C GLU B 302 -0.53 44.98 -4.89
N TRP B 303 0.40 44.36 -5.61
CA TRP B 303 0.06 43.68 -6.87
C TRP B 303 0.52 42.24 -6.95
N VAL B 304 -0.24 41.44 -7.70
CA VAL B 304 0.11 40.06 -8.02
C VAL B 304 0.04 39.83 -9.53
N THR B 305 1.08 39.26 -10.11
CA THR B 305 1.08 38.95 -11.54
C THR B 305 0.55 37.55 -11.77
N LEU B 306 -0.35 37.40 -12.73
CA LEU B 306 -0.97 36.11 -12.97
C LEU B 306 -0.46 35.43 -14.24
N VAL B 307 0.22 34.30 -14.03
CA VAL B 307 0.73 33.47 -15.10
C VAL B 307 0.36 32.03 -14.75
N PRO B 308 0.32 31.10 -15.71
CA PRO B 308 0.15 29.68 -15.47
C PRO B 308 1.26 29.19 -14.58
N ARG B 309 0.94 28.31 -13.64
CA ARG B 309 1.98 27.79 -12.76
C ARG B 309 2.98 26.94 -13.54
N PHE B 310 2.51 26.17 -14.49
CA PHE B 310 3.44 25.35 -15.26
C PHE B 310 3.45 25.72 -16.72
N VAL B 311 4.64 25.98 -17.23
CA VAL B 311 4.80 26.25 -18.65
C VAL B 311 5.80 25.28 -19.24
N LEU B 312 5.55 24.85 -20.47
CA LEU B 312 6.43 23.92 -21.14
C LEU B 312 7.31 24.61 -22.17
N THR B 313 8.61 24.40 -22.06
CA THR B 313 9.56 24.97 -22.99
C THR B 313 10.28 23.85 -23.70
N ARG B 314 10.39 23.93 -25.02
CA ARG B 314 11.15 22.87 -25.69
C ARG B 314 12.47 23.44 -26.18
N THR B 315 12.46 24.12 -27.31
CA THR B 315 13.66 24.77 -27.82
C THR B 315 13.46 26.28 -27.74
N THR B 316 12.79 26.83 -28.75
CA THR B 316 12.46 28.24 -28.78
C THR B 316 10.94 28.41 -28.70
N LEU B 317 10.27 27.30 -28.43
CA LEU B 317 8.81 27.26 -28.39
C LEU B 317 8.29 27.16 -26.96
N LEU B 318 7.20 27.89 -26.68
CA LEU B 318 6.52 27.82 -25.39
C LEU B 318 5.09 27.32 -25.55
N SER B 319 4.63 26.50 -24.61
CA SER B 319 3.26 26.00 -24.65
C SER B 319 2.70 25.84 -23.23
N ASN B 320 1.39 25.72 -23.14
CA ASN B 320 0.74 25.53 -21.85
C ASN B 320 0.51 24.07 -21.60
N ILE B 321 0.63 23.63 -20.35
CA ILE B 321 0.31 22.26 -20.01
C ILE B 321 -0.61 22.20 -18.81
N ASP B 322 -1.25 21.05 -18.64
CA ASP B 322 -2.10 20.80 -17.50
C ASP B 322 -1.65 19.52 -16.81
N THR B 323 -1.02 19.68 -15.64
CA THR B 323 -0.41 18.56 -14.95
C THR B 323 -1.35 17.95 -13.91
N SER B 324 -2.59 18.42 -13.83
CA SER B 324 -3.53 17.93 -12.82
C SER B 324 -3.91 16.48 -13.07
N ARG B 325 -3.66 16.00 -14.27
CA ARG B 325 -3.97 14.61 -14.64
C ARG B 325 -2.71 13.74 -14.84
N CYS B 326 -1.51 14.25 -14.46
CA CYS B 326 -0.23 13.61 -14.69
C CYS B 326 0.41 13.18 -13.37
N THR B 327 1.30 12.20 -13.46
CA THR B 327 2.05 11.74 -12.30
C THR B 327 3.33 12.55 -12.20
N VAL B 328 3.59 13.13 -11.03
CA VAL B 328 4.79 13.95 -10.93
C VAL B 328 5.77 13.36 -9.94
N THR B 329 6.97 13.10 -10.44
CA THR B 329 8.07 12.55 -9.67
C THR B 329 9.06 13.66 -9.42
N GLU B 330 10.10 13.37 -8.67
CA GLU B 330 11.09 14.40 -8.40
C GLU B 330 11.80 14.83 -9.69
N SER B 331 12.02 13.88 -10.60
CA SER B 331 12.75 14.15 -11.84
C SER B 331 11.88 14.49 -13.06
N SER B 332 10.65 13.97 -13.15
CA SER B 332 9.88 14.20 -14.37
C SER B 332 8.37 14.18 -14.20
N VAL B 333 7.68 14.71 -15.21
CA VAL B 333 6.23 14.63 -15.29
C VAL B 333 5.83 13.56 -16.28
N ILE B 334 5.12 12.53 -15.80
CA ILE B 334 4.72 11.42 -16.65
C ILE B 334 3.21 11.48 -16.94
N CYS B 335 2.87 11.75 -18.20
CA CYS B 335 1.48 11.94 -18.64
C CYS B 335 1.06 10.85 -19.61
N ASP B 336 -0.20 10.46 -19.55
CA ASP B 336 -0.76 9.64 -20.60
C ASP B 336 -1.18 10.58 -21.71
N ASN B 337 -0.72 10.33 -22.93
CA ASN B 337 -0.91 11.28 -24.02
C ASN B 337 -0.19 12.60 -23.76
N ASP B 338 -0.27 13.50 -24.74
CA ASP B 338 0.44 14.77 -24.71
C ASP B 338 -0.51 15.94 -24.47
N TYR B 339 -0.32 16.64 -23.35
CA TYR B 339 -1.23 17.70 -22.92
C TYR B 339 -0.83 19.12 -23.33
N ALA B 340 0.20 19.27 -24.15
CA ALA B 340 0.61 20.62 -24.56
C ALA B 340 -0.42 21.31 -25.46
N LEU B 341 -0.67 22.58 -25.19
CA LEU B 341 -1.56 23.42 -26.00
C LEU B 341 -0.90 24.76 -26.34
N PRO B 342 -1.25 25.41 -27.45
CA PRO B 342 -0.72 26.69 -27.90
C PRO B 342 -0.81 27.78 -26.85
N MET B 343 0.23 28.59 -26.75
CA MET B 343 0.30 29.68 -25.78
C MET B 343 -0.06 31.00 -26.46
N SER B 344 -0.71 31.90 -25.73
CA SER B 344 -1.10 33.18 -26.29
C SER B 344 0.12 34.05 -26.54
N TYR B 345 -0.02 35.00 -27.47
CA TYR B 345 1.05 35.92 -27.82
C TYR B 345 1.50 36.75 -26.63
N GLU B 346 0.55 37.29 -25.89
CA GLU B 346 0.88 38.16 -24.77
C GLU B 346 1.65 37.43 -23.68
N LEU B 347 1.26 36.19 -23.39
CA LEU B 347 1.99 35.46 -22.36
C LEU B 347 3.41 35.13 -22.84
N ILE B 348 3.55 34.79 -24.12
CA ILE B 348 4.88 34.51 -24.64
C ILE B 348 5.74 35.74 -24.45
N GLY B 349 5.19 36.90 -24.79
CA GLY B 349 5.88 38.16 -24.63
C GLY B 349 6.45 38.31 -23.21
N CYS B 350 5.59 38.16 -22.17
CA CYS B 350 5.99 38.32 -20.77
C CYS B 350 7.07 37.31 -20.37
N LEU B 351 6.87 36.06 -20.71
CA LEU B 351 7.80 35.03 -20.27
C LEU B 351 9.17 35.26 -20.87
N GLN B 352 9.21 35.80 -22.07
CA GLN B 352 10.49 36.05 -22.74
C GLN B 352 11.10 37.40 -22.37
N GLY B 353 10.50 38.12 -21.41
CA GLY B 353 11.08 39.37 -20.92
C GLY B 353 10.43 40.68 -21.34
N ASP B 354 9.28 40.62 -22.02
CA ASP B 354 8.69 41.91 -22.49
C ASP B 354 8.24 42.68 -21.25
N THR B 355 7.27 42.14 -20.51
CA THR B 355 6.78 42.75 -19.24
C THR B 355 5.87 43.92 -19.59
N SER B 356 5.54 44.08 -20.87
CA SER B 356 4.61 45.15 -21.28
C SER B 356 3.23 44.94 -20.65
N LYS B 357 2.76 43.69 -20.64
CA LYS B 357 1.38 43.44 -20.13
C LYS B 357 1.44 42.65 -18.81
N CYS B 358 1.59 41.34 -18.89
CA CYS B 358 1.73 40.51 -17.66
C CYS B 358 0.55 40.79 -16.73
N ALA B 359 -0.66 40.90 -17.28
CA ALA B 359 -1.88 41.19 -16.49
C ALA B 359 -1.61 41.22 -14.99
N ARG B 360 -1.13 42.36 -14.47
CA ARG B 360 -1.00 42.42 -13.02
C ARG B 360 -2.29 42.94 -12.41
N GLU B 361 -2.70 42.32 -11.32
CA GLU B 361 -3.95 42.66 -10.66
C GLU B 361 -3.75 43.24 -9.27
N LYS B 362 -4.54 44.25 -8.96
CA LYS B 362 -4.51 44.95 -7.68
C LYS B 362 -5.12 44.10 -6.57
N VAL B 363 -4.48 44.07 -5.41
CA VAL B 363 -5.00 43.31 -4.28
C VAL B 363 -5.71 44.24 -3.31
N VAL B 364 -7.04 44.13 -3.23
CA VAL B 364 -7.78 45.07 -2.41
C VAL B 364 -8.35 44.43 -1.15
N SER B 365 -9.09 43.34 -1.30
CA SER B 365 -9.72 42.66 -0.18
C SER B 365 -9.53 41.16 -0.28
N SER B 366 -8.34 40.76 -0.68
CA SER B 366 -7.99 39.35 -0.82
C SER B 366 -6.71 39.00 -0.10
N TYR B 367 -6.60 37.73 0.28
CA TYR B 367 -5.37 37.19 0.83
C TYR B 367 -4.48 36.71 -0.30
N VAL B 368 -3.22 37.11 -0.26
CA VAL B 368 -2.25 36.68 -1.25
C VAL B 368 -0.99 36.21 -0.55
N PRO B 369 -0.20 35.33 -1.16
CA PRO B 369 1.06 34.82 -0.66
C PRO B 369 2.16 35.87 -0.63
N ARG B 370 3.02 35.76 0.38
CA ARG B 370 4.19 36.62 0.50
C ARG B 370 5.50 35.85 0.54
N PHE B 371 5.43 34.57 0.26
CA PHE B 371 6.64 33.76 0.23
C PHE B 371 6.49 32.57 -0.69
N ALA B 372 7.63 31.96 -1.02
CA ALA B 372 7.63 30.76 -1.84
C ALA B 372 8.72 29.81 -1.36
N LEU B 373 8.44 28.51 -1.45
CA LEU B 373 9.37 27.51 -0.98
C LEU B 373 9.85 26.60 -2.10
N SER B 374 11.17 26.42 -2.20
CA SER B 374 11.73 25.51 -3.20
C SER B 374 12.97 24.78 -2.71
N ASP B 375 12.86 23.47 -2.51
CA ASP B 375 13.95 22.64 -2.01
C ASP B 375 14.60 23.21 -0.75
N GLY B 376 13.79 23.74 0.16
CA GLY B 376 14.28 24.27 1.41
C GLY B 376 14.59 25.76 1.36
N LEU B 377 14.60 26.34 0.17
CA LEU B 377 14.87 27.76 0.05
C LEU B 377 13.62 28.55 0.37
N VAL B 378 13.77 29.61 1.14
CA VAL B 378 12.62 30.44 1.46
C VAL B 378 12.78 31.83 0.86
N TYR B 379 11.89 32.17 -0.03
CA TYR B 379 11.89 33.47 -0.67
C TYR B 379 10.79 34.28 -0.03
N ALA B 380 11.01 35.57 0.20
CA ALA B 380 9.93 36.32 0.82
C ALA B 380 9.89 37.80 0.43
N ASN B 381 8.69 38.35 0.45
CA ASN B 381 8.46 39.76 0.22
C ASN B 381 8.59 40.56 1.52
N CYS B 382 9.83 40.62 2.05
CA CYS B 382 10.14 41.26 3.33
C CYS B 382 10.18 42.77 3.18
N LEU B 383 9.94 43.24 1.97
CA LEU B 383 9.84 44.65 1.67
C LEU B 383 8.43 45.14 1.98
N ASN B 384 7.46 44.22 1.99
CA ASN B 384 6.07 44.54 2.21
C ASN B 384 5.64 44.24 3.63
N THR B 385 6.10 43.12 4.16
CA THR B 385 5.71 42.67 5.48
C THR B 385 6.87 42.65 6.43
N ILE B 386 6.61 42.16 7.63
CA ILE B 386 7.65 42.06 8.65
C ILE B 386 8.17 40.63 8.69
N CYS B 387 9.49 40.47 8.54
CA CYS B 387 10.18 39.18 8.56
C CYS B 387 11.14 39.15 9.75
N ARG B 388 11.21 38.00 10.43
CA ARG B 388 12.11 37.83 11.57
C ARG B 388 12.80 36.46 11.58
N CYS B 389 14.04 36.42 12.12
CA CYS B 389 14.82 35.20 12.32
C CYS B 389 14.75 34.78 13.79
N MET B 390 14.14 33.63 14.05
CA MET B 390 13.91 33.19 15.41
C MET B 390 15.17 32.63 16.05
N ASP B 391 15.24 32.79 17.37
CA ASP B 391 16.34 32.32 18.18
C ASP B 391 17.62 33.12 17.94
N THR B 392 17.52 34.20 17.15
CA THR B 392 18.59 35.15 17.00
C THR B 392 17.98 36.46 17.41
N ASP B 393 16.65 36.41 17.48
CA ASP B 393 15.80 37.55 17.82
C ASP B 393 16.17 38.77 17.00
N THR B 394 16.41 38.52 15.72
CA THR B 394 16.88 39.55 14.81
C THR B 394 15.93 39.75 13.64
N PRO B 395 15.51 40.99 13.34
CA PRO B 395 14.64 41.33 12.23
C PRO B 395 15.36 41.16 10.91
N ILE B 396 14.60 40.92 9.86
CA ILE B 396 15.11 40.75 8.52
C ILE B 396 14.75 41.94 7.66
N SER B 397 15.73 42.48 6.93
CA SER B 397 15.49 43.63 6.09
C SER B 397 16.11 43.44 4.71
N GLN B 398 15.73 44.31 3.78
CA GLN B 398 16.25 44.25 2.42
C GLN B 398 17.06 45.49 2.09
N SER B 399 18.00 45.34 1.16
CA SER B 399 18.87 46.43 0.69
C SER B 399 18.30 47.13 -0.53
N LEU B 400 17.10 46.72 -0.93
CA LEU B 400 16.39 47.21 -2.10
C LEU B 400 17.06 46.77 -3.39
N GLY B 401 16.50 47.18 -4.53
CA GLY B 401 16.99 46.74 -5.83
C GLY B 401 16.31 45.44 -6.25
N THR B 402 15.38 44.99 -5.40
CA THR B 402 14.62 43.77 -5.60
C THR B 402 13.35 43.80 -4.80
N THR B 403 12.37 43.02 -5.24
CA THR B 403 11.14 42.86 -4.49
C THR B 403 11.11 41.51 -3.79
N VAL B 404 12.03 40.62 -4.15
CA VAL B 404 12.07 39.29 -3.55
C VAL B 404 13.45 38.99 -2.99
N SER B 405 13.52 38.62 -1.71
CA SER B 405 14.80 38.26 -1.13
C SER B 405 14.83 36.80 -0.70
N LEU B 406 16.00 36.19 -0.80
CA LEU B 406 16.21 34.82 -0.35
C LEU B 406 16.78 34.80 1.04
N LEU B 407 16.14 34.08 1.95
CA LEU B 407 16.58 34.05 3.33
C LEU B 407 17.68 33.00 3.51
N ASP B 408 18.67 33.33 4.35
CA ASP B 408 19.82 32.46 4.58
C ASP B 408 19.59 31.43 5.70
N ASN B 409 19.52 30.15 5.31
CA ASN B 409 19.20 29.06 6.24
C ASN B 409 20.32 28.76 7.23
N LYS B 410 21.45 29.44 7.10
CA LYS B 410 22.56 29.22 8.01
C LYS B 410 22.45 30.07 9.28
N LYS B 411 21.43 30.94 9.36
CA LYS B 411 21.31 31.80 10.55
C LYS B 411 20.40 31.23 11.64
N CYS B 412 19.26 30.63 11.26
CA CYS B 412 18.26 30.08 12.18
C CYS B 412 17.43 29.01 11.48
N LEU B 413 16.72 28.23 12.28
CA LEU B 413 15.87 27.18 11.74
C LEU B 413 14.45 27.64 11.48
N VAL B 414 14.00 28.66 12.21
CA VAL B 414 12.63 29.10 12.08
C VAL B 414 12.53 30.56 11.68
N TYR B 415 11.78 30.82 10.62
CA TYR B 415 11.55 32.17 10.16
C TYR B 415 10.13 32.57 10.41
N GLN B 416 9.90 33.86 10.60
CA GLN B 416 8.55 34.36 10.63
C GLN B 416 8.36 35.30 9.48
N VAL B 417 7.36 35.04 8.65
CA VAL B 417 7.02 35.94 7.56
C VAL B 417 5.58 36.35 7.74
N GLY B 418 5.35 37.60 8.10
CA GLY B 418 4.00 38.01 8.44
C GLY B 418 3.55 37.26 9.70
N ASP B 419 2.47 36.50 9.61
CA ASP B 419 1.94 35.77 10.76
C ASP B 419 2.28 34.28 10.71
N ILE B 420 3.07 33.85 9.73
CA ILE B 420 3.34 32.43 9.53
C ILE B 420 4.76 32.02 9.93
N LEU B 421 4.87 30.98 10.74
CA LEU B 421 6.17 30.46 11.14
C LEU B 421 6.59 29.32 10.24
N ILE B 422 7.74 29.48 9.61
CA ILE B 422 8.28 28.51 8.67
C ILE B 422 9.50 27.80 9.22
N SER B 423 9.40 26.49 9.39
CA SER B 423 10.51 25.69 9.91
C SER B 423 11.30 25.09 8.77
N VAL B 424 12.46 24.51 9.09
CA VAL B 424 13.27 23.86 8.06
C VAL B 424 13.55 22.41 8.41
N GLY B 425 13.94 21.64 7.41
CA GLY B 425 14.20 20.21 7.56
C GLY B 425 15.53 19.89 8.23
N SER B 426 15.58 20.01 9.55
CA SER B 426 16.78 19.70 10.31
C SER B 426 17.01 18.19 10.39
N TYR B 427 18.23 17.80 10.78
CA TYR B 427 18.59 16.38 10.90
C TYR B 427 18.48 15.87 12.33
N LEU B 428 17.87 14.71 12.49
CA LEU B 428 17.74 14.05 13.77
C LEU B 428 18.71 12.88 13.85
N GLY B 429 19.15 12.53 15.05
CA GLY B 429 20.20 11.51 15.22
C GLY B 429 19.82 10.11 14.77
N GLU B 430 20.85 9.35 14.39
CA GLU B 430 20.73 7.97 13.94
C GLU B 430 20.37 7.00 15.06
N GLY B 431 19.48 6.05 14.76
CA GLY B 431 19.10 5.00 15.71
C GLY B 431 19.15 3.61 15.09
N GLU B 432 18.65 2.60 15.80
CA GLU B 432 18.66 1.24 15.28
C GLU B 432 17.53 0.40 15.85
N TYR B 433 17.17 -0.64 15.10
CA TYR B 433 16.19 -1.64 15.50
C TYR B 433 16.84 -3.01 15.51
N SER B 434 16.75 -3.71 16.63
CA SER B 434 17.37 -5.04 16.71
C SER B 434 16.78 -5.90 17.82
N ALA B 435 17.06 -7.19 17.74
CA ALA B 435 16.69 -8.15 18.78
C ALA B 435 17.68 -8.12 19.92
N ASP B 436 17.21 -8.48 21.11
CA ASP B 436 18.11 -8.67 22.23
C ASP B 436 19.03 -9.85 21.95
N ASN B 437 20.25 -9.79 22.43
CA ASN B 437 21.18 -10.90 22.25
C ASN B 437 20.68 -12.12 23.00
N VAL B 438 20.83 -13.30 22.40
CA VAL B 438 20.36 -14.53 23.01
C VAL B 438 21.48 -15.49 23.32
N GLU B 439 21.50 -15.98 24.55
CA GLU B 439 22.49 -16.97 24.94
C GLU B 439 21.80 -18.32 25.14
N LEU B 440 22.37 -19.36 24.55
CA LEU B 440 21.81 -20.70 24.69
C LEU B 440 22.53 -21.49 25.74
N GLY B 441 21.80 -22.33 26.46
CA GLY B 441 22.41 -23.24 27.40
C GLY B 441 22.74 -24.54 26.69
N PRO B 442 23.49 -25.44 27.33
CA PRO B 442 23.85 -26.75 26.84
C PRO B 442 22.65 -27.69 26.89
N PRO B 443 22.68 -28.76 26.10
CA PRO B 443 21.74 -29.86 26.11
C PRO B 443 21.97 -30.72 27.34
N VAL B 444 20.96 -31.46 27.74
CA VAL B 444 21.15 -32.44 28.77
C VAL B 444 21.80 -33.66 28.14
N VAL B 445 22.92 -34.10 28.70
CA VAL B 445 23.63 -35.23 28.14
C VAL B 445 23.66 -36.39 29.10
N ILE B 446 23.22 -37.54 28.62
CA ILE B 446 23.21 -38.76 29.40
C ILE B 446 24.57 -39.42 29.32
N ASP B 447 25.11 -39.75 30.49
CA ASP B 447 26.40 -40.42 30.61
C ASP B 447 26.31 -41.88 30.22
N LYS B 448 27.43 -42.45 29.86
CA LYS B 448 27.47 -43.86 29.48
C LYS B 448 27.37 -44.72 30.74
N ILE B 449 26.89 -45.96 30.59
CA ILE B 449 26.81 -46.86 31.72
C ILE B 449 28.07 -47.71 31.76
N ASP B 450 28.88 -47.54 32.80
CA ASP B 450 30.15 -48.25 32.89
C ASP B 450 30.25 -49.07 34.15
N ILE B 451 30.15 -50.37 33.98
CA ILE B 451 30.21 -51.32 35.08
C ILE B 451 31.38 -52.27 34.90
N GLY B 452 32.32 -51.91 34.03
CA GLY B 452 33.44 -52.79 33.73
C GLY B 452 34.24 -53.14 34.97
N ASN B 453 34.35 -52.20 35.90
CA ASN B 453 35.09 -52.41 37.12
C ASN B 453 34.39 -53.38 38.06
N GLN B 454 33.07 -53.51 37.94
CA GLN B 454 32.35 -54.43 38.80
C GLN B 454 32.33 -55.82 38.20
N LEU B 455 32.15 -55.90 36.89
CA LEU B 455 32.08 -57.20 36.21
C LEU B 455 33.40 -57.93 36.38
N ALA B 456 34.48 -57.16 36.36
CA ALA B 456 35.83 -57.68 36.50
C ALA B 456 36.02 -58.41 37.84
N GLY B 457 35.27 -58.01 38.87
CA GLY B 457 35.41 -58.59 40.19
C GLY B 457 34.50 -59.80 40.38
N ILE B 458 33.69 -60.11 39.37
CA ILE B 458 32.76 -61.22 39.46
C ILE B 458 33.31 -62.43 38.67
N ASN B 459 33.78 -62.17 37.42
CA ASN B 459 34.34 -63.12 36.46
C ASN B 459 35.05 -64.29 37.15
N LEU C 23 -23.34 14.29 -30.14
CA LEU C 23 -21.91 14.34 -30.45
C LEU C 23 -21.63 13.56 -31.75
N HIS C 24 -21.17 14.26 -32.80
CA HIS C 24 -20.93 13.71 -34.14
C HIS C 24 -19.43 13.70 -34.44
N TYR C 25 -18.84 12.51 -34.44
CA TYR C 25 -17.38 12.38 -34.54
C TYR C 25 -16.82 12.55 -35.95
N ASP C 26 -17.56 12.14 -36.96
CA ASP C 26 -17.04 12.16 -38.32
C ASP C 26 -16.59 13.55 -38.76
N SER C 27 -17.32 14.57 -38.30
CA SER C 27 -17.01 15.94 -38.68
C SER C 27 -16.00 16.59 -37.74
N LEU C 28 -15.66 15.91 -36.65
CA LEU C 28 -14.66 16.42 -35.71
C LEU C 28 -13.29 15.89 -36.09
N SER C 29 -13.27 14.71 -36.70
CA SER C 29 -12.02 14.11 -37.12
C SER C 29 -11.26 15.03 -38.05
N LYS C 30 -11.99 15.69 -38.95
CA LYS C 30 -11.39 16.59 -39.94
C LYS C 30 -11.01 17.93 -39.35
N VAL C 31 -11.27 18.11 -38.07
CA VAL C 31 -10.97 19.33 -37.35
C VAL C 31 -9.81 19.04 -36.39
N GLY C 32 -9.32 17.81 -36.39
CA GLY C 32 -8.20 17.41 -35.54
C GLY C 32 -8.60 16.81 -34.20
N ILE C 33 -9.87 16.45 -34.01
CA ILE C 33 -10.27 15.87 -32.72
C ILE C 33 -10.54 14.39 -32.83
N ILE C 34 -9.79 13.62 -32.06
CA ILE C 34 -9.85 12.17 -32.08
C ILE C 34 -10.68 11.61 -30.92
N LYS C 35 -11.60 10.71 -31.23
CA LYS C 35 -12.41 10.09 -30.18
C LYS C 35 -11.53 9.29 -29.21
N GLY C 36 -11.67 9.55 -27.92
CA GLY C 36 -10.91 8.85 -26.90
C GLY C 36 -11.73 7.81 -26.14
N LEU C 37 -11.36 7.60 -24.88
CA LEU C 37 -11.98 6.57 -24.06
C LEU C 37 -13.36 6.95 -23.53
N THR C 38 -14.19 5.94 -23.35
CA THR C 38 -15.57 6.13 -22.87
C THR C 38 -15.74 5.56 -21.48
N TYR C 39 -16.32 6.34 -20.57
CA TYR C 39 -16.54 5.91 -19.19
C TYR C 39 -17.99 6.11 -18.74
N ASN C 40 -18.46 5.28 -17.82
CA ASN C 40 -19.77 5.55 -17.24
C ASN C 40 -19.62 6.61 -16.15
N TYR C 41 -20.73 7.03 -15.55
CA TYR C 41 -20.66 8.09 -14.54
C TYR C 41 -21.41 7.73 -13.27
N LYS C 42 -20.71 7.77 -12.15
CA LYS C 42 -21.29 7.40 -10.86
C LYS C 42 -21.05 8.43 -9.78
N ILE C 43 -21.99 8.49 -8.84
CA ILE C 43 -21.92 9.41 -7.71
C ILE C 43 -21.77 8.63 -6.40
N LYS C 44 -20.78 8.99 -5.62
CA LYS C 44 -20.47 8.32 -4.35
C LYS C 44 -21.16 8.98 -3.15
N GLY C 45 -21.90 8.19 -2.37
CA GLY C 45 -22.57 8.68 -1.17
C GLY C 45 -21.93 8.13 0.10
N SER C 46 -22.61 8.30 1.25
CA SER C 46 -22.08 7.83 2.53
C SER C 46 -21.97 6.31 2.54
N PRO C 47 -20.90 5.74 3.10
CA PRO C 47 -20.62 4.32 3.22
C PRO C 47 -21.44 3.63 4.30
N SER C 48 -21.66 2.33 4.12
CA SER C 48 -22.25 1.48 5.14
C SER C 48 -21.13 1.05 6.07
N THR C 49 -21.44 0.90 7.35
CA THR C 49 -20.39 0.55 8.30
C THR C 49 -20.60 -0.79 8.97
N LYS C 50 -19.53 -1.58 9.07
CA LYS C 50 -19.58 -2.87 9.75
C LYS C 50 -18.35 -3.04 10.64
N LEU C 51 -18.57 -3.43 11.89
CA LEU C 51 -17.47 -3.59 12.85
C LEU C 51 -17.05 -5.04 13.02
N MET C 52 -15.75 -5.30 12.97
CA MET C 52 -15.23 -6.63 13.21
C MET C 52 -14.12 -6.66 14.24
N VAL C 53 -14.21 -7.61 15.17
CA VAL C 53 -13.17 -7.79 16.17
C VAL C 53 -12.23 -8.91 15.79
N VAL C 54 -10.93 -8.61 15.76
CA VAL C 54 -9.93 -9.59 15.37
C VAL C 54 -9.12 -10.03 16.56
N LYS C 55 -9.10 -11.33 16.82
CA LYS C 55 -8.40 -11.87 17.98
C LYS C 55 -7.05 -12.47 17.57
N LEU C 56 -5.96 -11.97 18.12
CA LEU C 56 -4.63 -12.41 17.70
C LEU C 56 -4.08 -13.57 18.52
N ILE C 57 -4.63 -13.79 19.71
CA ILE C 57 -4.16 -14.88 20.54
C ILE C 57 -5.24 -15.95 20.64
N PRO C 58 -5.02 -17.16 20.09
CA PRO C 58 -5.96 -18.24 20.04
C PRO C 58 -6.10 -18.87 21.41
N ASN C 59 -7.20 -19.55 21.64
CA ASN C 59 -7.41 -20.23 22.91
C ASN C 59 -6.91 -21.65 22.87
N ILE C 60 -5.75 -21.89 23.48
CA ILE C 60 -5.20 -23.22 23.51
C ILE C 60 -5.20 -23.67 24.96
N ASP C 61 -5.81 -24.80 25.22
CA ASP C 61 -5.91 -25.27 26.59
C ASP C 61 -5.62 -26.75 26.70
N GLY C 62 -5.29 -27.17 27.91
CA GLY C 62 -4.97 -28.55 28.21
C GLY C 62 -3.47 -28.68 28.42
N VAL C 63 -3.11 -29.46 29.43
CA VAL C 63 -1.71 -29.70 29.76
C VAL C 63 -0.87 -28.42 29.63
N ARG C 64 -1.35 -27.34 30.27
CA ARG C 64 -0.69 -26.04 30.17
C ARG C 64 0.80 -26.06 30.57
N ASN C 65 1.18 -26.91 31.54
CA ASN C 65 2.55 -27.05 32.02
C ASN C 65 3.53 -27.54 30.93
N CYS C 66 2.99 -28.16 29.87
CA CYS C 66 3.75 -28.76 28.78
C CYS C 66 3.98 -27.73 27.67
N THR C 67 2.93 -26.97 27.32
CA THR C 67 3.01 -25.96 26.26
C THR C 67 3.51 -24.56 26.68
N GLN C 68 3.27 -24.19 27.94
CA GLN C 68 3.51 -22.86 28.49
C GLN C 68 4.62 -22.03 27.86
N LYS C 69 5.83 -22.57 27.77
CA LYS C 69 6.97 -21.77 27.34
C LYS C 69 6.81 -21.15 25.95
N GLN C 70 6.25 -21.90 25.00
CA GLN C 70 6.11 -21.39 23.64
C GLN C 70 4.94 -20.44 23.55
N PHE C 71 3.95 -20.65 24.39
CA PHE C 71 2.79 -19.79 24.37
C PHE C 71 3.21 -18.38 24.82
N ASP C 72 4.05 -18.31 25.85
CA ASP C 72 4.51 -17.02 26.34
C ASP C 72 5.37 -16.25 25.32
N GLU C 73 6.23 -16.94 24.58
CA GLU C 73 7.00 -16.20 23.58
C GLU C 73 6.08 -15.64 22.51
N TYR C 74 5.05 -16.40 22.14
CA TYR C 74 4.09 -15.91 21.17
C TYR C 74 3.42 -14.63 21.66
N LYS C 75 2.99 -14.63 22.91
CA LYS C 75 2.33 -13.46 23.47
C LYS C 75 3.21 -12.22 23.36
N ASN C 76 4.53 -12.38 23.52
CA ASN C 76 5.41 -11.22 23.40
C ASN C 76 5.44 -10.69 21.98
N LEU C 77 5.30 -11.58 20.99
CA LEU C 77 5.24 -11.14 19.59
C LEU C 77 4.02 -10.26 19.40
N VAL C 78 2.89 -10.70 19.93
CA VAL C 78 1.66 -9.96 19.78
C VAL C 78 1.75 -8.61 20.46
N LYS C 79 2.31 -8.57 21.67
CA LYS C 79 2.46 -7.31 22.39
C LYS C 79 3.30 -6.30 21.63
N ASN C 80 4.40 -6.77 21.03
CA ASN C 80 5.28 -5.86 20.28
C ASN C 80 4.60 -5.26 19.06
N VAL C 81 3.64 -5.99 18.48
CA VAL C 81 2.90 -5.48 17.34
C VAL C 81 1.78 -4.53 17.74
N LEU C 82 1.03 -4.87 18.79
CA LEU C 82 -0.12 -4.07 19.22
C LEU C 82 0.19 -2.87 20.12
N GLU C 83 1.21 -2.93 20.95
CA GLU C 83 1.43 -1.81 21.86
C GLU C 83 1.54 -0.44 21.16
N PRO C 84 2.28 -0.30 20.03
CA PRO C 84 2.39 0.92 19.25
C PRO C 84 1.07 1.41 18.67
N VAL C 85 0.10 0.51 18.55
CA VAL C 85 -1.20 0.91 18.03
C VAL C 85 -1.93 1.57 19.18
N LYS C 86 -1.86 0.97 20.36
CA LYS C 86 -2.53 1.55 21.52
C LYS C 86 -1.94 2.92 21.83
N LEU C 87 -0.62 3.05 21.75
CA LEU C 87 0.01 4.32 22.06
C LEU C 87 -0.40 5.41 21.09
N ALA C 88 -0.46 5.07 19.80
CA ALA C 88 -0.86 6.04 18.80
C ALA C 88 -2.31 6.47 19.01
N LEU C 89 -3.18 5.52 19.35
CA LEU C 89 -4.58 5.85 19.55
C LEU C 89 -4.76 6.79 20.73
N ASN C 90 -3.96 6.61 21.78
CA ASN C 90 -4.06 7.49 22.93
C ASN C 90 -3.59 8.91 22.58
N ALA C 91 -2.51 9.00 21.80
CA ALA C 91 -1.99 10.29 21.38
C ALA C 91 -3.04 11.06 20.58
N MET C 92 -3.81 10.31 19.79
CA MET C 92 -4.84 10.83 18.92
C MET C 92 -6.23 10.69 19.51
N LEU C 93 -6.34 10.54 20.83
CA LEU C 93 -7.62 10.28 21.48
C LEU C 93 -8.74 11.24 21.06
N ASP C 94 -8.40 12.51 20.86
CA ASP C 94 -9.42 13.50 20.53
C ASP C 94 -9.78 13.52 19.04
N ASN C 95 -9.07 12.75 18.22
CA ASN C 95 -9.29 12.73 16.78
C ASN C 95 -9.84 11.41 16.27
N VAL C 96 -9.68 10.33 17.05
CA VAL C 96 -10.18 9.03 16.61
C VAL C 96 -11.70 9.02 16.73
N LYS C 97 -12.37 8.64 15.64
CA LYS C 97 -13.83 8.70 15.55
C LYS C 97 -14.63 7.90 16.60
N SER C 98 -14.11 6.74 17.03
CA SER C 98 -14.77 5.88 18.03
C SER C 98 -13.75 5.39 19.05
N ALA C 159 28.70 -64.96 44.40
CA ALA C 159 28.69 -64.37 43.05
C ALA C 159 27.31 -63.81 42.69
N ASN C 160 26.23 -64.46 43.16
CA ASN C 160 24.85 -64.07 42.83
C ASN C 160 24.49 -62.69 43.36
N LYS C 161 25.02 -62.34 44.52
CA LYS C 161 24.74 -61.03 45.09
C LYS C 161 25.41 -59.94 44.28
N GLN C 162 26.60 -60.24 43.74
CA GLN C 162 27.32 -59.27 42.94
C GLN C 162 26.58 -59.07 41.62
N THR C 163 26.02 -60.16 41.10
CA THR C 163 25.26 -60.10 39.85
C THR C 163 24.03 -59.23 40.05
N LEU C 164 23.33 -59.38 41.17
CA LEU C 164 22.15 -58.58 41.42
C LEU C 164 22.53 -57.11 41.57
N ALA C 165 23.68 -56.85 42.19
CA ALA C 165 24.15 -55.48 42.35
C ALA C 165 24.37 -54.82 41.00
N VAL C 166 24.89 -55.59 40.03
CA VAL C 166 25.11 -55.06 38.69
C VAL C 166 23.78 -54.75 38.02
N ILE C 167 22.82 -55.65 38.17
CA ILE C 167 21.51 -55.47 37.57
C ILE C 167 20.82 -54.23 38.14
N ASP C 168 20.88 -54.05 39.45
CA ASP C 168 20.25 -52.91 40.08
C ASP C 168 20.96 -51.60 39.70
N THR C 169 22.27 -51.65 39.53
CA THR C 169 23.00 -50.47 39.10
C THR C 169 22.53 -50.03 37.71
N ILE C 170 22.40 -50.99 36.81
CA ILE C 170 21.93 -50.65 35.47
C ILE C 170 20.52 -50.10 35.54
N ARG C 171 19.66 -50.74 36.33
CA ARG C 171 18.31 -50.26 36.48
C ARG C 171 18.31 -48.83 36.96
N GLY C 172 19.19 -48.52 37.90
CA GLY C 172 19.32 -47.18 38.43
C GLY C 172 19.58 -46.18 37.33
N GLU C 173 20.65 -46.36 36.56
CA GLU C 173 20.93 -45.43 35.46
C GLU C 173 19.76 -45.30 34.48
N ILE C 174 19.04 -46.39 34.21
CA ILE C 174 17.92 -46.26 33.30
C ILE C 174 16.82 -45.44 33.94
N ASN C 175 16.52 -45.74 35.20
CA ASN C 175 15.42 -45.15 35.92
C ASN C 175 15.67 -43.69 36.32
N ASN C 176 16.93 -43.32 36.57
CA ASN C 176 17.25 -41.96 36.99
C ASN C 176 17.73 -41.05 35.87
N ASN C 177 18.32 -41.60 34.81
CA ASN C 177 18.84 -40.76 33.74
C ASN C 177 18.03 -40.89 32.47
N ILE C 178 17.94 -42.10 31.93
CA ILE C 178 17.30 -42.28 30.64
C ILE C 178 15.81 -41.98 30.63
N ILE C 179 15.06 -42.53 31.57
CA ILE C 179 13.63 -42.31 31.53
C ILE C 179 13.23 -40.82 31.71
N PRO C 180 13.70 -40.10 32.74
CA PRO C 180 13.42 -38.68 32.94
C PRO C 180 13.74 -37.83 31.71
N VAL C 181 14.82 -38.13 31.00
CA VAL C 181 15.14 -37.35 29.82
C VAL C 181 14.14 -37.59 28.71
N ILE C 182 13.76 -38.85 28.49
CA ILE C 182 12.81 -39.15 27.43
C ILE C 182 11.48 -38.48 27.73
N ASN C 183 11.04 -38.53 28.98
CA ASN C 183 9.77 -37.90 29.31
C ASN C 183 9.82 -36.39 29.08
N GLN C 184 10.95 -35.77 29.37
CA GLN C 184 11.07 -34.34 29.11
C GLN C 184 11.01 -34.04 27.61
N LEU C 185 11.63 -34.89 26.81
CA LEU C 185 11.62 -34.69 25.37
C LEU C 185 10.20 -34.78 24.82
N SER C 186 9.36 -35.61 25.43
CA SER C 186 7.99 -35.72 24.96
C SER C 186 7.24 -34.38 25.07
N CYS C 187 7.42 -33.62 26.18
CA CYS C 187 6.80 -32.29 26.29
C CYS C 187 7.55 -31.21 25.54
N ASP C 188 8.83 -31.40 25.27
CA ASP C 188 9.49 -30.40 24.47
C ASP C 188 8.90 -30.46 23.07
N THR C 189 8.59 -31.69 22.63
CA THR C 189 7.97 -31.92 21.33
C THR C 189 6.60 -31.28 21.22
N ILE C 190 5.76 -31.47 22.23
CA ILE C 190 4.43 -30.85 22.22
C ILE C 190 4.54 -29.34 22.21
N GLY C 191 5.45 -28.80 23.02
CA GLY C 191 5.66 -27.37 23.07
C GLY C 191 6.00 -26.82 21.70
N LEU C 192 6.97 -27.44 21.02
CA LEU C 192 7.39 -26.97 19.71
C LEU C 192 6.25 -27.06 18.71
N SER C 193 5.44 -28.10 18.80
CA SER C 193 4.31 -28.24 17.88
C SER C 193 3.35 -27.07 18.02
N VAL C 194 3.05 -26.70 19.27
CA VAL C 194 2.20 -25.56 19.53
C VAL C 194 2.84 -24.27 19.01
N GLY C 195 4.14 -24.12 19.23
CA GLY C 195 4.85 -22.93 18.79
C GLY C 195 4.71 -22.73 17.29
N ILE C 196 4.85 -23.80 16.51
CA ILE C 196 4.71 -23.69 15.06
C ILE C 196 3.29 -23.30 14.68
N LYS C 197 2.31 -23.92 15.31
CA LYS C 197 0.92 -23.64 15.00
C LYS C 197 0.56 -22.19 15.28
N LEU C 198 1.06 -21.65 16.39
CA LEU C 198 0.82 -20.26 16.73
C LEU C 198 1.46 -19.31 15.74
N THR C 199 2.67 -19.64 15.30
CA THR C 199 3.36 -18.81 14.35
C THR C 199 2.58 -18.71 13.05
N GLN C 200 2.06 -19.85 12.58
CA GLN C 200 1.29 -19.84 11.35
C GLN C 200 0.02 -19.01 11.49
N TYR C 201 -0.65 -19.10 12.64
CA TYR C 201 -1.85 -18.30 12.84
C TYR C 201 -1.53 -16.82 12.70
N TYR C 202 -0.44 -16.38 13.32
CA TYR C 202 -0.06 -14.99 13.17
C TYR C 202 0.12 -14.63 11.70
N SER C 203 0.81 -15.49 10.94
CA SER C 203 1.02 -15.23 9.53
C SER C 203 -0.29 -15.07 8.77
N GLU C 204 -1.31 -15.86 9.13
CA GLU C 204 -2.61 -15.73 8.48
C GLU C 204 -3.21 -14.35 8.75
N ILE C 205 -3.12 -13.89 10.00
CA ILE C 205 -3.59 -12.55 10.34
C ILE C 205 -2.77 -11.47 9.67
N LEU C 206 -1.47 -11.66 9.62
CA LEU C 206 -0.60 -10.67 8.98
C LEU C 206 -1.00 -10.51 7.52
N THR C 207 -1.42 -11.61 6.89
CA THR C 207 -1.84 -11.56 5.50
C THR C 207 -3.16 -10.80 5.35
N ALA C 208 -4.17 -11.13 6.16
CA ALA C 208 -5.49 -10.54 5.99
C ALA C 208 -5.67 -9.16 6.63
N PHE C 209 -5.13 -8.95 7.81
CA PHE C 209 -5.32 -7.69 8.52
C PHE C 209 -4.01 -6.94 8.69
N GLY C 210 -3.05 -7.28 7.86
CA GLY C 210 -1.73 -6.67 7.90
C GLY C 210 -1.81 -5.16 7.95
N PRO C 211 -2.37 -4.52 6.91
CA PRO C 211 -2.55 -3.09 6.79
C PRO C 211 -3.22 -2.46 8.01
N ALA C 212 -4.17 -3.19 8.64
CA ALA C 212 -4.85 -2.62 9.79
C ALA C 212 -3.89 -2.39 10.93
N LEU C 213 -2.98 -3.33 11.13
CA LEU C 213 -2.01 -3.25 12.21
C LEU C 213 -0.93 -2.22 11.88
N GLN C 214 -0.52 -2.18 10.62
CA GLN C 214 0.54 -1.27 10.19
C GLN C 214 0.14 0.19 10.22
N ASN C 215 -1.10 0.49 9.83
CA ASN C 215 -1.56 1.87 9.75
C ASN C 215 -2.94 2.02 10.39
N PRO C 216 -3.03 2.38 11.67
CA PRO C 216 -4.26 2.48 12.42
C PRO C 216 -5.31 3.35 11.74
N VAL C 217 -4.88 4.31 10.93
CA VAL C 217 -5.80 5.22 10.27
C VAL C 217 -5.79 5.09 8.73
N ASN C 218 -6.99 4.97 8.15
CA ASN C 218 -7.22 4.93 6.71
C ASN C 218 -6.53 3.83 5.91
N THR C 219 -6.81 2.58 6.24
CA THR C 219 -6.20 1.47 5.52
C THR C 219 -7.04 0.98 4.36
N ARG C 220 -6.40 0.21 3.48
CA ARG C 220 -7.10 -0.47 2.39
C ARG C 220 -7.44 -1.87 2.85
N ILE C 221 -8.69 -2.26 2.71
CA ILE C 221 -9.12 -3.57 3.19
C ILE C 221 -8.86 -4.66 2.15
N THR C 222 -8.28 -5.76 2.63
CA THR C 222 -7.90 -6.89 1.79
C THR C 222 -9.10 -7.74 1.43
N ILE C 223 -8.93 -8.61 0.44
CA ILE C 223 -10.00 -9.51 0.06
C ILE C 223 -10.26 -10.57 1.12
N GLN C 224 -9.22 -10.96 1.85
CA GLN C 224 -9.43 -11.96 2.90
C GLN C 224 -10.28 -11.37 4.02
N ALA C 225 -10.02 -10.11 4.36
CA ALA C 225 -10.81 -9.46 5.41
C ALA C 225 -12.27 -9.33 4.97
N ILE C 226 -12.51 -9.03 3.69
CA ILE C 226 -13.87 -8.88 3.19
C ILE C 226 -14.63 -10.20 3.20
N SER C 227 -13.99 -11.28 2.75
CA SER C 227 -14.70 -12.55 2.75
C SER C 227 -15.00 -13.00 4.17
N SER C 228 -14.14 -12.62 5.13
CA SER C 228 -14.42 -12.96 6.52
C SER C 228 -15.69 -12.26 6.99
N VAL C 229 -15.80 -10.98 6.63
CA VAL C 229 -16.94 -10.15 7.00
C VAL C 229 -18.26 -10.72 6.50
N PHE C 230 -18.27 -11.25 5.28
CA PHE C 230 -19.49 -11.82 4.71
C PHE C 230 -19.57 -13.34 4.74
N ASN C 231 -18.77 -13.98 5.59
CA ASN C 231 -18.81 -15.44 5.74
C ASN C 231 -18.59 -16.20 4.43
N ARG C 232 -17.64 -15.74 3.62
CA ARG C 232 -17.27 -16.38 2.37
C ARG C 232 -18.44 -16.57 1.43
N ASN C 233 -19.28 -15.55 1.35
CA ASN C 233 -20.44 -15.57 0.47
C ASN C 233 -20.56 -14.26 -0.29
N PHE C 234 -20.09 -14.26 -1.52
CA PHE C 234 -20.09 -13.04 -2.31
C PHE C 234 -21.44 -12.75 -2.94
N ASP C 235 -22.38 -13.69 -2.82
CA ASP C 235 -23.70 -13.41 -3.36
C ASP C 235 -24.40 -12.53 -2.36
N GLU C 236 -24.19 -12.83 -1.08
CA GLU C 236 -24.73 -12.02 0.00
C GLU C 236 -24.12 -10.63 -0.04
N LEU C 237 -22.82 -10.56 -0.28
CA LEU C 237 -22.12 -9.29 -0.34
C LEU C 237 -22.77 -8.39 -1.36
N LEU C 238 -22.95 -8.90 -2.57
CA LEU C 238 -23.49 -8.10 -3.64
C LEU C 238 -24.94 -7.71 -3.36
N LYS C 239 -25.72 -8.64 -2.81
CA LYS C 239 -27.13 -8.39 -2.54
C LYS C 239 -27.35 -7.29 -1.50
N ILE C 240 -26.59 -7.32 -0.41
CA ILE C 240 -26.75 -6.32 0.63
C ILE C 240 -26.37 -4.94 0.17
N MET C 241 -25.22 -4.84 -0.51
CA MET C 241 -24.74 -3.55 -0.98
C MET C 241 -25.47 -3.05 -2.23
N GLY C 242 -26.05 -3.96 -3.01
CA GLY C 242 -26.72 -3.57 -4.23
C GLY C 242 -25.72 -3.38 -5.35
N TYR C 243 -24.65 -4.15 -5.28
CA TYR C 243 -23.58 -4.09 -6.27
C TYR C 243 -23.81 -5.06 -7.40
N THR C 244 -23.36 -4.70 -8.59
CA THR C 244 -23.29 -5.64 -9.67
C THR C 244 -21.87 -6.15 -9.73
N SER C 245 -21.60 -7.18 -10.52
CA SER C 245 -20.23 -7.69 -10.58
C SER C 245 -19.26 -6.61 -11.06
N GLY C 246 -19.75 -5.71 -11.89
CA GLY C 246 -18.95 -4.60 -12.39
C GLY C 246 -18.57 -3.61 -11.29
N ASP C 247 -19.38 -3.51 -10.23
CA ASP C 247 -19.08 -2.56 -9.18
C ASP C 247 -18.07 -3.17 -8.26
N LEU C 248 -18.17 -4.47 -8.03
CA LEU C 248 -17.21 -5.08 -7.14
C LEU C 248 -15.83 -4.96 -7.74
N TYR C 249 -15.74 -5.17 -9.05
CA TYR C 249 -14.46 -5.09 -9.73
C TYR C 249 -13.84 -3.70 -9.63
N GLU C 250 -14.59 -2.66 -9.98
CA GLU C 250 -13.98 -1.33 -9.98
C GLU C 250 -13.74 -0.82 -8.55
N ILE C 251 -14.53 -1.26 -7.59
CA ILE C 251 -14.31 -0.89 -6.20
C ILE C 251 -13.00 -1.48 -5.68
N LEU C 252 -12.74 -2.74 -5.98
CA LEU C 252 -11.48 -3.35 -5.56
C LEU C 252 -10.30 -2.71 -6.30
N HIS C 253 -10.51 -2.35 -7.57
CA HIS C 253 -9.50 -1.71 -8.41
C HIS C 253 -9.04 -0.38 -7.82
N SER C 254 -10.00 0.46 -7.46
CA SER C 254 -9.68 1.76 -6.89
C SER C 254 -9.29 1.69 -5.42
N GLY C 255 -9.77 0.66 -4.72
CA GLY C 255 -9.46 0.53 -3.30
C GLY C 255 -10.37 1.43 -2.48
N LEU C 256 -11.66 1.42 -2.80
CA LEU C 256 -12.60 2.29 -2.11
C LEU C 256 -13.14 1.72 -0.80
N ILE C 257 -12.75 0.49 -0.45
CA ILE C 257 -13.18 -0.07 0.83
C ILE C 257 -12.07 0.17 1.82
N ARG C 258 -12.38 0.95 2.86
CA ARG C 258 -11.39 1.42 3.80
C ARG C 258 -11.77 1.12 5.23
N GLY C 259 -10.81 1.22 6.14
CA GLY C 259 -11.15 1.02 7.54
C GLY C 259 -10.12 1.59 8.50
N ASN C 260 -10.51 1.58 9.77
CA ASN C 260 -9.71 2.17 10.84
C ASN C 260 -9.75 1.31 12.10
N ILE C 261 -8.68 1.34 12.88
CA ILE C 261 -8.77 0.72 14.19
C ILE C 261 -9.30 1.76 15.15
N ILE C 262 -10.35 1.40 15.86
CA ILE C 262 -10.99 2.33 16.77
C ILE C 262 -10.50 2.11 18.20
N ASP C 263 -10.26 0.85 18.55
CA ASP C 263 -9.75 0.54 19.88
C ASP C 263 -8.98 -0.77 19.88
N VAL C 264 -8.08 -0.92 20.84
CA VAL C 264 -7.33 -2.17 21.00
C VAL C 264 -7.22 -2.58 22.47
N ASP C 265 -6.93 -3.85 22.69
CA ASP C 265 -6.66 -4.38 24.02
C ASP C 265 -5.40 -5.24 23.93
N VAL C 266 -4.29 -4.66 24.38
CA VAL C 266 -2.98 -5.26 24.19
C VAL C 266 -2.83 -6.57 24.95
N GLU C 267 -3.31 -6.62 26.18
CA GLU C 267 -3.20 -7.82 27.00
C GLU C 267 -4.07 -8.95 26.46
N ALA C 268 -5.28 -8.61 25.99
CA ALA C 268 -6.19 -9.61 25.45
C ALA C 268 -5.81 -10.03 24.04
N GLY C 269 -5.09 -9.16 23.32
CA GLY C 269 -4.72 -9.45 21.95
C GLY C 269 -5.86 -9.16 20.99
N TYR C 270 -6.68 -8.17 21.33
CA TYR C 270 -7.83 -7.85 20.47
C TYR C 270 -7.67 -6.52 19.77
N ILE C 271 -8.11 -6.44 18.52
CA ILE C 271 -8.23 -5.14 17.88
C ILE C 271 -9.66 -4.97 17.35
N ALA C 272 -10.20 -3.76 17.45
CA ALA C 272 -11.53 -3.46 16.92
C ALA C 272 -11.38 -2.65 15.65
N LEU C 273 -11.65 -3.32 14.52
CA LEU C 273 -11.49 -2.75 13.17
C LEU C 273 -12.82 -2.43 12.52
N GLU C 274 -13.00 -1.16 12.16
CA GLU C 274 -14.24 -0.71 11.55
C GLU C 274 -14.08 -0.55 10.04
N ILE C 275 -14.93 -1.22 9.28
CA ILE C 275 -14.84 -1.22 7.82
C ILE C 275 -15.99 -0.46 7.13
N GLU C 276 -15.62 0.44 6.24
CA GLU C 276 -16.56 1.27 5.49
C GLU C 276 -16.74 0.82 4.03
N PHE C 277 -17.95 0.41 3.69
CA PHE C 277 -18.28 -0.07 2.35
C PHE C 277 -19.09 0.99 1.60
N PRO C 278 -18.56 1.57 0.52
CA PRO C 278 -19.10 2.72 -0.18
C PRO C 278 -20.42 2.42 -0.85
N ASN C 279 -21.28 3.42 -0.95
CA ASN C 279 -22.53 3.28 -1.68
C ASN C 279 -22.47 4.08 -2.97
N LEU C 280 -22.35 3.38 -4.09
CA LEU C 280 -22.24 4.06 -5.37
C LEU C 280 -23.58 4.05 -6.08
N THR C 281 -23.93 5.17 -6.68
CA THR C 281 -25.16 5.26 -7.45
C THR C 281 -24.87 5.59 -8.90
N LEU C 282 -25.56 4.91 -9.79
CA LEU C 282 -25.35 5.11 -11.23
C LEU C 282 -26.30 6.13 -11.79
N VAL C 283 -25.79 7.07 -12.56
CA VAL C 283 -26.65 8.04 -13.22
C VAL C 283 -27.07 7.47 -14.58
N PRO C 284 -28.36 7.22 -14.81
CA PRO C 284 -28.87 6.57 -16.00
C PRO C 284 -28.44 7.30 -17.26
N ASN C 285 -27.92 6.53 -18.21
CA ASN C 285 -27.49 7.00 -19.53
C ASN C 285 -26.40 8.06 -19.51
N ALA C 286 -25.75 8.28 -18.36
CA ALA C 286 -24.72 9.30 -18.34
C ALA C 286 -23.37 8.74 -18.73
N VAL C 287 -22.88 9.19 -19.87
CA VAL C 287 -21.63 8.70 -20.44
C VAL C 287 -20.60 9.80 -20.66
N VAL C 288 -19.40 9.59 -20.14
CA VAL C 288 -18.32 10.54 -20.27
C VAL C 288 -17.43 10.19 -21.46
N GLN C 289 -17.24 11.15 -22.36
CA GLN C 289 -16.44 10.92 -23.54
C GLN C 289 -15.21 11.80 -23.60
N GLU C 290 -14.05 11.17 -23.71
CA GLU C 290 -12.78 11.86 -23.84
C GLU C 290 -12.55 12.33 -25.29
N LEU C 291 -12.06 13.55 -25.46
CA LEU C 291 -11.70 14.09 -26.77
C LEU C 291 -10.21 14.40 -26.80
N MET C 292 -9.50 13.95 -27.83
CA MET C 292 -8.06 14.16 -27.90
C MET C 292 -7.63 14.98 -29.11
N PRO C 293 -7.52 16.31 -29.00
CA PRO C 293 -7.16 17.19 -30.10
C PRO C 293 -5.69 17.09 -30.45
N ILE C 294 -5.38 17.07 -31.74
CA ILE C 294 -4.01 17.14 -32.23
C ILE C 294 -3.97 18.18 -33.34
N SER C 295 -2.78 18.59 -33.76
CA SER C 295 -2.67 19.56 -34.83
C SER C 295 -3.16 19.03 -36.17
N TYR C 296 -3.52 19.97 -37.05
CA TYR C 296 -3.92 19.65 -38.42
C TYR C 296 -3.62 20.82 -39.35
N ASN C 297 -3.65 20.59 -40.65
CA ASN C 297 -3.46 21.65 -41.63
C ASN C 297 -4.74 21.94 -42.37
N VAL C 298 -4.87 23.16 -42.88
CA VAL C 298 -6.04 23.54 -43.66
C VAL C 298 -5.62 24.43 -44.85
N ASP C 299 -6.09 25.67 -44.92
CA ASP C 299 -5.75 26.56 -46.04
C ASP C 299 -4.25 26.82 -46.05
N GLY C 300 -3.67 26.87 -44.87
CA GLY C 300 -2.25 27.07 -44.70
C GLY C 300 -1.94 27.22 -43.23
N ASP C 301 -0.65 27.13 -42.90
CA ASP C 301 -0.19 27.22 -41.52
C ASP C 301 -0.66 25.99 -40.74
N GLU C 302 -0.49 26.00 -39.42
CA GLU C 302 -0.85 24.87 -38.56
C GLU C 302 -1.84 25.27 -37.49
N TRP C 303 -2.89 24.47 -37.31
CA TRP C 303 -3.96 24.81 -36.39
C TRP C 303 -4.29 23.74 -35.36
N VAL C 304 -4.74 24.18 -34.19
CA VAL C 304 -5.25 23.30 -33.14
C VAL C 304 -6.64 23.77 -32.68
N THR C 305 -7.60 22.85 -32.63
CA THR C 305 -8.94 23.17 -32.16
C THR C 305 -9.04 22.95 -30.67
N LEU C 306 -9.59 23.92 -29.95
CA LEU C 306 -9.67 23.82 -28.51
C LEU C 306 -11.07 23.50 -27.99
N VAL C 307 -11.19 22.32 -27.39
CA VAL C 307 -12.42 21.84 -26.78
C VAL C 307 -12.03 21.28 -25.41
N PRO C 308 -12.96 21.16 -24.46
CA PRO C 308 -12.75 20.49 -23.19
C PRO C 308 -12.37 19.06 -23.46
N ARG C 309 -11.43 18.53 -22.68
CA ARG C 309 -11.02 17.15 -22.88
C ARG C 309 -12.15 16.19 -22.54
N PHE C 310 -12.92 16.49 -21.51
CA PHE C 310 -14.02 15.59 -21.15
C PHE C 310 -15.36 16.28 -21.26
N VAL C 311 -16.26 15.65 -22.00
CA VAL C 311 -17.62 16.16 -22.11
C VAL C 311 -18.59 15.07 -21.69
N LEU C 312 -19.66 15.47 -21.02
CA LEU C 312 -20.66 14.52 -20.56
C LEU C 312 -21.89 14.54 -21.43
N THR C 313 -22.29 13.38 -21.91
CA THR C 313 -23.47 13.24 -22.74
C THR C 313 -24.46 12.36 -22.03
N ARG C 314 -25.71 12.74 -21.97
CA ARG C 314 -26.68 11.84 -21.34
C ARG C 314 -27.59 11.26 -22.41
N THR C 315 -28.60 12.02 -22.82
CA THR C 315 -29.46 11.58 -23.90
C THR C 315 -29.24 12.49 -25.11
N THR C 316 -29.90 13.64 -25.10
CA THR C 316 -29.72 14.64 -26.14
C THR C 316 -29.08 15.89 -25.54
N LEU C 317 -28.65 15.76 -24.29
CA LEU C 317 -28.07 16.86 -23.55
C LEU C 317 -26.56 16.74 -23.41
N LEU C 318 -25.86 17.87 -23.53
CA LEU C 318 -24.41 17.92 -23.32
C LEU C 318 -24.07 18.84 -22.16
N SER C 319 -23.07 18.46 -21.37
CA SER C 319 -22.62 19.29 -20.26
C SER C 319 -21.12 19.16 -20.03
N ASN C 320 -20.54 20.11 -19.31
CA ASN C 320 -19.13 20.07 -19.01
C ASN C 320 -18.89 19.41 -17.67
N ILE C 321 -17.80 18.67 -17.55
CA ILE C 321 -17.44 18.10 -16.25
C ILE C 321 -15.99 18.37 -15.92
N ASP C 322 -15.66 18.22 -14.66
CA ASP C 322 -14.29 18.37 -14.19
C ASP C 322 -13.90 17.12 -13.41
N THR C 323 -13.05 16.31 -14.02
CA THR C 323 -12.68 15.02 -13.48
C THR C 323 -11.41 15.08 -12.64
N SER C 324 -10.86 16.27 -12.44
CA SER C 324 -9.60 16.40 -11.70
C SER C 324 -9.76 16.05 -10.24
N ARG C 325 -11.00 16.02 -9.77
CA ARG C 325 -11.31 15.67 -8.39
C ARG C 325 -12.00 14.29 -8.23
N CYS C 326 -12.07 13.50 -9.32
CA CYS C 326 -12.79 12.23 -9.37
C CYS C 326 -11.83 11.05 -9.53
N THR C 327 -12.28 9.88 -9.11
CA THR C 327 -11.52 8.65 -9.26
C THR C 327 -11.85 8.03 -10.61
N VAL C 328 -10.83 7.73 -11.40
CA VAL C 328 -11.13 7.18 -12.71
C VAL C 328 -10.61 5.76 -12.85
N THR C 329 -11.53 4.86 -13.14
CA THR C 329 -11.25 3.46 -13.33
C THR C 329 -11.32 3.16 -14.80
N GLU C 330 -11.03 1.93 -15.19
CA GLU C 330 -11.09 1.60 -16.60
C GLU C 330 -12.51 1.70 -17.13
N SER C 331 -13.49 1.34 -16.29
CA SER C 331 -14.90 1.35 -16.71
C SER C 331 -15.70 2.62 -16.39
N SER C 332 -15.35 3.34 -15.32
CA SER C 332 -16.19 4.49 -14.96
C SER C 332 -15.48 5.60 -14.21
N VAL C 333 -16.14 6.76 -14.17
CA VAL C 333 -15.67 7.89 -13.37
C VAL C 333 -16.50 7.99 -12.11
N ILE C 334 -15.86 7.86 -10.95
CA ILE C 334 -16.55 7.89 -9.67
C ILE C 334 -16.27 9.20 -8.94
N CYS C 335 -17.29 10.05 -8.81
CA CYS C 335 -17.17 11.38 -8.22
C CYS C 335 -17.98 11.48 -6.94
N ASP C 336 -17.48 12.25 -5.99
CA ASP C 336 -18.30 12.63 -4.85
C ASP C 336 -19.12 13.83 -5.29
N ASN C 337 -20.43 13.75 -5.13
CA ASN C 337 -21.33 14.77 -5.68
C ASN C 337 -21.28 14.79 -7.21
N ASP C 338 -22.11 15.65 -7.79
CA ASP C 338 -22.26 15.74 -9.23
C ASP C 338 -21.63 17.01 -9.80
N TYR C 339 -20.63 16.84 -10.66
CA TYR C 339 -19.83 17.96 -11.17
C TYR C 339 -20.28 18.51 -12.52
N ALA C 340 -21.41 18.06 -13.04
CA ALA C 340 -21.87 18.57 -14.34
C ALA C 340 -22.28 20.04 -14.29
N LEU C 341 -21.86 20.81 -15.30
CA LEU C 341 -22.24 22.21 -15.45
C LEU C 341 -22.72 22.50 -16.87
N PRO C 342 -23.60 23.50 -17.09
CA PRO C 342 -24.14 23.89 -18.38
C PRO C 342 -23.07 24.16 -19.42
N MET C 343 -23.32 23.73 -20.65
CA MET C 343 -22.38 23.91 -21.76
C MET C 343 -22.80 25.09 -22.61
N SER C 344 -21.83 25.83 -23.16
CA SER C 344 -22.15 26.97 -23.98
C SER C 344 -22.78 26.56 -25.31
N TYR C 345 -23.53 27.47 -25.90
CA TYR C 345 -24.20 27.23 -27.17
C TYR C 345 -23.22 26.89 -28.28
N GLU C 346 -22.15 27.66 -28.38
CA GLU C 346 -21.19 27.48 -29.44
C GLU C 346 -20.49 26.12 -29.36
N LEU C 347 -20.14 25.68 -28.16
CA LEU C 347 -19.51 24.38 -28.03
C LEU C 347 -20.48 23.27 -28.39
N ILE C 348 -21.76 23.41 -27.99
CA ILE C 348 -22.74 22.39 -28.33
C ILE C 348 -22.82 22.30 -29.84
N GLY C 349 -22.86 23.44 -30.50
CA GLY C 349 -22.90 23.49 -31.95
C GLY C 349 -21.78 22.63 -32.57
N CYS C 350 -20.52 22.88 -32.18
CA CYS C 350 -19.35 22.16 -32.71
C CYS C 350 -19.43 20.66 -32.44
N LEU C 351 -19.75 20.29 -31.21
CA LEU C 351 -19.73 18.89 -30.88
C LEU C 351 -20.78 18.12 -31.66
N GLN C 352 -21.89 18.78 -31.97
CA GLN C 352 -22.96 18.15 -32.72
C GLN C 352 -22.77 18.22 -34.23
N GLY C 353 -21.62 18.75 -34.68
CA GLY C 353 -21.30 18.76 -36.11
C GLY C 353 -21.39 20.09 -36.85
N ASP C 354 -21.59 21.20 -36.12
CA ASP C 354 -21.74 22.48 -36.88
C ASP C 354 -20.38 22.81 -37.49
N THR C 355 -19.36 23.04 -36.65
CA THR C 355 -17.98 23.30 -37.11
C THR C 355 -17.90 24.74 -37.61
N SER C 356 -18.95 25.52 -37.39
CA SER C 356 -18.93 26.95 -37.81
C SER C 356 -17.86 27.71 -37.01
N LYS C 357 -17.74 27.42 -35.71
CA LYS C 357 -16.77 28.20 -34.90
C LYS C 357 -15.61 27.31 -34.44
N CYS C 358 -15.81 26.53 -33.37
CA CYS C 358 -14.77 25.56 -32.92
C CYS C 358 -13.46 26.32 -32.71
N ALA C 359 -13.52 27.52 -32.12
CA ALA C 359 -12.32 28.35 -31.87
C ALA C 359 -11.03 27.64 -32.26
N ARG C 360 -10.65 27.68 -33.55
CA ARG C 360 -9.36 27.11 -33.89
C ARG C 360 -8.28 28.18 -33.77
N GLU C 361 -7.15 27.81 -33.19
CA GLU C 361 -6.06 28.74 -32.97
C GLU C 361 -4.81 28.40 -33.75
N LYS C 362 -4.17 29.44 -34.27
CA LYS C 362 -2.96 29.34 -35.08
C LYS C 362 -1.75 29.00 -34.21
N VAL C 363 -0.92 28.08 -34.67
CA VAL C 363 0.28 27.71 -33.93
C VAL C 363 1.50 28.41 -34.51
N VAL C 364 2.06 29.37 -33.78
CA VAL C 364 3.14 30.16 -34.32
C VAL C 364 4.49 29.84 -33.68
N SER C 365 4.56 29.92 -32.35
CA SER C 365 5.80 29.67 -31.63
C SER C 365 5.55 28.79 -30.42
N SER C 366 4.71 27.78 -30.61
CA SER C 366 4.37 26.83 -29.56
C SER C 366 4.55 25.40 -30.00
N TYR C 367 4.80 24.53 -29.03
CA TYR C 367 4.82 23.10 -29.26
C TYR C 367 3.42 22.54 -29.13
N VAL C 368 3.01 21.74 -30.10
CA VAL C 368 1.71 21.10 -30.06
C VAL C 368 1.88 19.62 -30.40
N PRO C 369 0.96 18.76 -29.95
CA PRO C 369 0.93 17.33 -30.22
C PRO C 369 0.61 17.00 -31.66
N ARG C 370 1.22 15.92 -32.15
CA ARG C 370 0.95 15.40 -33.48
C ARG C 370 0.47 13.97 -33.47
N PHE C 371 0.15 13.45 -32.30
CA PHE C 371 -0.36 12.10 -32.21
C PHE C 371 -1.22 11.92 -30.98
N ALA C 372 -1.98 10.83 -30.97
CA ALA C 372 -2.81 10.49 -29.84
C ALA C 372 -2.82 8.98 -29.63
N LEU C 373 -2.87 8.56 -28.37
CA LEU C 373 -2.83 7.15 -28.04
C LEU C 373 -4.11 6.68 -27.34
N SER C 374 -4.69 5.59 -27.82
CA SER C 374 -5.89 5.03 -27.18
C SER C 374 -5.92 3.50 -27.25
N ASP C 375 -5.77 2.86 -26.10
CA ASP C 375 -5.75 1.40 -26.00
C ASP C 375 -4.78 0.75 -26.99
N GLY C 376 -3.62 1.35 -27.17
CA GLY C 376 -2.61 0.80 -28.07
C GLY C 376 -2.68 1.34 -29.49
N LEU C 377 -3.76 2.04 -29.81
CA LEU C 377 -3.90 2.60 -31.15
C LEU C 377 -3.10 3.88 -31.24
N VAL C 378 -2.38 4.05 -32.33
CA VAL C 378 -1.61 5.27 -32.53
C VAL C 378 -2.15 6.06 -33.70
N TYR C 379 -2.63 7.25 -33.41
CA TYR C 379 -3.15 8.15 -34.44
C TYR C 379 -2.11 9.20 -34.67
N ALA C 380 -1.89 9.61 -35.91
CA ALA C 380 -0.88 10.64 -36.13
C ALA C 380 -1.14 11.55 -37.31
N ASN C 381 -0.65 12.78 -37.18
CA ASN C 381 -0.71 13.76 -38.25
C ASN C 381 0.49 13.62 -39.18
N CYS C 382 0.53 12.51 -39.93
CA CYS C 382 1.64 12.15 -40.81
C CYS C 382 1.57 12.95 -42.10
N LEU C 383 0.56 13.80 -42.21
CA LEU C 383 0.40 14.71 -43.32
C LEU C 383 1.24 15.96 -43.09
N ASN C 384 1.54 16.24 -41.81
CA ASN C 384 2.29 17.43 -41.43
C ASN C 384 3.75 17.12 -41.17
N THR C 385 4.01 15.99 -40.52
CA THR C 385 5.35 15.62 -40.13
C THR C 385 5.81 14.36 -40.83
N ILE C 386 6.99 13.91 -40.47
CA ILE C 386 7.54 12.69 -41.03
C ILE C 386 7.32 11.54 -40.08
N CYS C 387 6.68 10.46 -40.58
CA CYS C 387 6.36 9.25 -39.82
C CYS C 387 7.12 8.08 -40.44
N ARG C 388 7.66 7.20 -39.60
CA ARG C 388 8.38 6.02 -40.07
C ARG C 388 8.04 4.75 -39.24
N CYS C 389 8.10 3.58 -39.90
CA CYS C 389 7.93 2.28 -39.27
C CYS C 389 9.28 1.60 -39.09
N MET C 390 9.69 1.40 -37.85
CA MET C 390 11.01 0.88 -37.56
C MET C 390 11.12 -0.60 -37.79
N ASP C 391 12.31 -1.04 -38.16
CA ASP C 391 12.63 -2.43 -38.43
C ASP C 391 11.99 -2.92 -39.72
N THR C 392 11.36 -2.02 -40.47
CA THR C 392 10.86 -2.32 -41.79
C THR C 392 11.55 -1.31 -42.67
N ASP C 393 12.11 -0.31 -41.98
CA ASP C 393 12.80 0.83 -42.57
C ASP C 393 11.96 1.44 -43.68
N THR C 394 10.67 1.56 -43.40
CA THR C 394 9.72 2.04 -44.39
C THR C 394 9.00 3.29 -43.90
N PRO C 395 8.93 4.36 -44.71
CA PRO C 395 8.25 5.60 -44.42
C PRO C 395 6.74 5.40 -44.44
N ILE C 396 6.05 6.23 -43.70
CA ILE C 396 4.60 6.20 -43.61
C ILE C 396 3.99 7.40 -44.32
N SER C 397 2.99 7.15 -45.16
CA SER C 397 2.35 8.23 -45.91
C SER C 397 0.84 8.12 -45.86
N GLN C 398 0.17 9.18 -46.26
CA GLN C 398 -1.28 9.21 -46.28
C GLN C 398 -1.82 9.32 -47.70
N SER C 399 -3.04 8.83 -47.89
CA SER C 399 -3.73 8.86 -49.19
C SER C 399 -4.62 10.09 -49.33
N LEU C 400 -4.57 10.95 -48.32
CA LEU C 400 -5.37 12.18 -48.22
C LEU C 400 -6.84 11.86 -47.98
N GLY C 401 -7.66 12.90 -47.89
CA GLY C 401 -9.08 12.74 -47.57
C GLY C 401 -9.29 12.76 -46.05
N THR C 402 -8.18 12.95 -45.34
CA THR C 402 -8.15 13.00 -43.89
C THR C 402 -6.94 13.73 -43.39
N THR C 403 -7.03 14.26 -42.18
CA THR C 403 -5.89 14.88 -41.54
C THR C 403 -5.30 13.96 -40.48
N VAL C 404 -6.03 12.90 -40.12
CA VAL C 404 -5.56 11.98 -39.09
C VAL C 404 -5.56 10.55 -39.59
N SER C 405 -4.43 9.87 -39.50
CA SER C 405 -4.39 8.47 -39.91
C SER C 405 -4.07 7.55 -38.74
N LEU C 406 -4.62 6.35 -38.79
CA LEU C 406 -4.36 5.33 -37.79
C LEU C 406 -3.29 4.39 -38.26
N LEU C 407 -2.25 4.22 -37.46
CA LEU C 407 -1.13 3.38 -37.86
C LEU C 407 -1.43 1.91 -37.53
N ASP C 408 -0.99 1.02 -38.42
CA ASP C 408 -1.26 -0.42 -38.28
C ASP C 408 -0.20 -1.15 -37.44
N ASN C 409 -0.59 -1.63 -36.27
CA ASN C 409 0.32 -2.25 -35.31
C ASN C 409 0.82 -3.62 -35.75
N LYS C 410 0.32 -4.11 -36.88
CA LYS C 410 0.73 -5.41 -37.38
C LYS C 410 2.00 -5.32 -38.23
N LYS C 411 2.51 -4.11 -38.49
CA LYS C 411 3.69 -3.97 -39.34
C LYS C 411 5.02 -3.93 -38.55
N CYS C 412 5.05 -3.21 -37.42
CA CYS C 412 6.23 -3.02 -36.59
C CYS C 412 5.84 -2.69 -35.16
N LEU C 413 6.79 -2.80 -34.25
CA LEU C 413 6.56 -2.49 -32.85
C LEU C 413 6.87 -1.04 -32.51
N VAL C 414 7.76 -0.42 -33.26
CA VAL C 414 8.16 0.93 -32.93
C VAL C 414 7.91 1.89 -34.08
N TYR C 415 7.22 2.98 -33.78
CA TYR C 415 6.95 4.01 -34.74
C TYR C 415 7.74 5.26 -34.41
N GLN C 416 8.06 6.02 -35.43
CA GLN C 416 8.62 7.34 -35.19
C GLN C 416 7.68 8.37 -35.73
N VAL C 417 7.26 9.30 -34.89
CA VAL C 417 6.43 10.40 -35.33
C VAL C 417 7.15 11.69 -35.00
N GLY C 418 7.64 12.39 -36.00
CA GLY C 418 8.47 13.55 -35.72
C GLY C 418 9.76 13.08 -35.06
N ASP C 419 10.03 13.57 -33.85
CA ASP C 419 11.25 13.21 -33.14
C ASP C 419 11.01 12.20 -32.01
N ILE C 420 9.78 11.69 -31.90
CA ILE C 420 9.42 10.81 -30.79
C ILE C 420 9.24 9.35 -31.21
N LEU C 421 9.90 8.46 -30.49
CA LEU C 421 9.76 7.03 -30.75
C LEU C 421 8.71 6.42 -29.85
N ILE C 422 7.69 5.81 -30.46
CA ILE C 422 6.58 5.21 -29.76
C ILE C 422 6.60 3.70 -29.85
N SER C 423 6.72 3.05 -28.71
CA SER C 423 6.75 1.58 -28.65
C SER C 423 5.36 1.03 -28.36
N VAL C 424 5.20 -0.27 -28.48
CA VAL C 424 3.91 -0.89 -28.18
C VAL C 424 4.05 -1.99 -27.14
N GLY C 425 2.93 -2.34 -26.52
CA GLY C 425 2.90 -3.34 -25.45
C GLY C 425 3.01 -4.78 -25.94
N SER C 426 4.23 -5.20 -26.25
CA SER C 426 4.48 -6.57 -26.70
C SER C 426 4.37 -7.56 -25.54
N TYR C 427 4.28 -8.85 -25.86
CA TYR C 427 4.17 -9.90 -24.84
C TYR C 427 5.51 -10.57 -24.56
N LEU C 428 5.81 -10.74 -23.29
CA LEU C 428 7.02 -11.41 -22.84
C LEU C 428 6.66 -12.81 -22.34
N GLY C 429 7.60 -13.75 -22.44
CA GLY C 429 7.31 -15.14 -22.11
C GLY C 429 6.95 -15.43 -20.66
N GLU C 430 6.18 -16.50 -20.47
CA GLU C 430 5.73 -16.96 -19.16
C GLU C 430 6.85 -17.57 -18.31
N GLY C 431 6.85 -17.25 -17.01
CA GLY C 431 7.80 -17.81 -16.07
C GLY C 431 7.13 -18.36 -14.82
N GLU C 432 7.93 -18.73 -13.81
CA GLU C 432 7.36 -19.26 -12.57
C GLU C 432 8.26 -19.00 -11.37
N TYR C 433 7.64 -18.99 -10.20
CA TYR C 433 8.33 -18.88 -8.92
C TYR C 433 8.01 -20.10 -8.07
N SER C 434 9.04 -20.78 -7.59
CA SER C 434 8.82 -21.97 -6.77
C SER C 434 10.01 -22.33 -5.90
N ALA C 435 9.77 -23.19 -4.93
CA ALA C 435 10.82 -23.74 -4.07
C ALA C 435 11.51 -24.91 -4.75
N ASP C 436 12.76 -25.13 -4.40
CA ASP C 436 13.47 -26.32 -4.84
C ASP C 436 12.79 -27.55 -4.24
N ASN C 437 12.79 -28.64 -4.97
CA ASN C 437 12.22 -29.88 -4.46
C ASN C 437 13.04 -30.37 -3.28
N VAL C 438 12.37 -30.89 -2.26
CA VAL C 438 13.03 -31.37 -1.06
C VAL C 438 12.85 -32.86 -0.84
N GLU C 439 13.95 -33.54 -0.61
CA GLU C 439 13.90 -34.97 -0.31
C GLU C 439 14.26 -35.19 1.16
N LEU C 440 13.45 -35.97 1.84
CA LEU C 440 13.71 -36.26 3.25
C LEU C 440 14.39 -37.60 3.41
N GLY C 441 15.26 -37.70 4.40
CA GLY C 441 15.86 -38.98 4.73
C GLY C 441 15.01 -39.66 5.78
N PRO C 442 15.28 -40.93 6.09
CA PRO C 442 14.62 -41.73 7.09
C PRO C 442 15.05 -41.28 8.49
N PRO C 443 14.25 -41.59 9.51
CA PRO C 443 14.55 -41.42 10.92
C PRO C 443 15.55 -42.46 11.35
N VAL C 444 16.25 -42.18 12.43
CA VAL C 444 17.08 -43.20 13.02
C VAL C 444 16.20 -44.12 13.83
N VAL C 445 16.28 -45.41 13.57
CA VAL C 445 15.44 -46.36 14.26
C VAL C 445 16.25 -47.32 15.10
N ILE C 446 15.90 -47.40 16.37
CA ILE C 446 16.56 -48.29 17.31
C ILE C 446 15.95 -49.67 17.20
N ASP C 447 16.81 -50.67 17.05
CA ASP C 447 16.42 -52.06 16.97
C ASP C 447 16.01 -52.60 18.32
N LYS C 448 15.22 -53.66 18.31
CA LYS C 448 14.79 -54.29 19.55
C LYS C 448 15.94 -55.07 20.15
N ILE C 449 15.90 -55.29 21.46
CA ILE C 449 16.94 -56.09 22.10
C ILE C 449 16.47 -57.53 22.20
N ASP C 450 17.13 -58.43 21.50
CA ASP C 450 16.70 -59.82 21.47
C ASP C 450 17.80 -60.75 21.94
N ILE C 451 17.61 -61.29 23.13
CA ILE C 451 18.55 -62.20 23.74
C ILE C 451 17.90 -63.55 24.00
N GLY C 452 16.77 -63.80 23.34
CA GLY C 452 16.02 -65.03 23.58
C GLY C 452 16.86 -66.27 23.31
N ASN C 453 17.73 -66.18 22.31
CA ASN C 453 18.59 -67.30 21.94
C ASN C 453 19.66 -67.57 22.99
N GLN C 454 20.02 -66.55 23.77
CA GLN C 454 21.05 -66.76 24.79
C GLN C 454 20.41 -67.26 26.07
N LEU C 455 19.25 -66.69 26.43
CA LEU C 455 18.58 -67.09 27.67
C LEU C 455 18.22 -68.56 27.62
N ALA C 456 17.83 -69.01 26.42
CA ALA C 456 17.44 -70.39 26.18
C ALA C 456 18.57 -71.37 26.51
N GLY C 457 19.82 -70.91 26.40
CA GLY C 457 20.96 -71.79 26.63
C GLY C 457 21.42 -71.76 28.09
N ILE C 458 20.76 -70.93 28.89
CA ILE C 458 21.12 -70.82 30.30
C ILE C 458 20.11 -71.60 31.17
N ASN C 459 18.80 -71.40 30.90
CA ASN C 459 17.65 -72.00 31.58
C ASN C 459 17.96 -73.40 32.13
C1 NAG D . 31.55 -29.00 16.07
C2 NAG D . 32.55 -29.60 17.15
C3 NAG D . 33.96 -29.69 16.52
C4 NAG D . 33.89 -30.61 15.26
C5 NAG D . 32.88 -29.99 14.26
C6 NAG D . 32.71 -30.86 13.01
C7 NAG D . 31.91 -28.97 19.44
C8 NAG D . 31.98 -28.01 20.60
N2 NAG D . 32.59 -28.70 18.32
O3 NAG D . 34.87 -30.26 17.48
O4 NAG D . 35.18 -30.70 14.67
O5 NAG D . 31.55 -29.87 14.90
O6 NAG D . 32.01 -30.17 11.98
O7 NAG D . 31.22 -29.98 19.54
C1 NAG E . 19.88 -57.22 47.74
C2 NAG E . 19.32 -56.13 48.74
C3 NAG E . 20.16 -54.84 48.56
C4 NAG E . 21.65 -55.14 48.85
C5 NAG E . 22.13 -56.27 47.87
C6 NAG E . 23.56 -56.72 48.13
C7 NAG E . 16.89 -56.16 49.19
C8 NAG E . 15.49 -55.86 48.76
N2 NAG E . 17.92 -55.85 48.38
O3 NAG E . 19.70 -53.82 49.47
O4 NAG E . 22.42 -53.95 48.65
O5 NAG E . 21.28 -57.46 48.03
O6 NAG E . 24.51 -55.71 47.81
O7 NAG E . 17.08 -56.70 50.29
C1 NAG F . 1.66 -45.23 6.76
C2 NAG F . 2.26 -46.70 6.63
C3 NAG F . 1.15 -47.64 6.10
C4 NAG F . -0.04 -47.62 7.10
C5 NAG F . -0.58 -46.17 7.22
C6 NAG F . -1.71 -46.05 8.23
C7 NAG F . 4.66 -46.65 6.07
C8 NAG F . 5.76 -46.61 5.05
N2 NAG F . 3.38 -46.66 5.66
O3 NAG F . 1.67 -48.98 6.00
O4 NAG F . -1.07 -48.49 6.62
O5 NAG F . 0.52 -45.27 7.67
O6 NAG F . -2.37 -44.80 8.14
O7 NAG F . 4.95 -46.67 7.26
C1 NAG G . 33.79 -61.47 32.07
C2 NAG G . 34.97 -60.81 31.26
C3 NAG G . 34.57 -60.75 29.77
C4 NAG G . 34.27 -62.18 29.25
C5 NAG G . 33.12 -62.79 30.12
C6 NAG G . 32.80 -64.24 29.75
C7 NAG G . 36.28 -59.08 32.44
C8 NAG G . 36.42 -57.67 32.93
N2 NAG G . 35.18 -59.44 31.77
O3 NAG G . 35.64 -60.18 29.00
O4 NAG G . 33.86 -62.09 27.88
O5 NAG G . 33.51 -62.80 31.53
O6 NAG G . 32.22 -64.36 28.47
O7 NAG G . 37.20 -59.88 32.64
C1 NAG H . 3.15 -26.92 36.88
C2 NAG H . 2.72 -28.11 37.85
C3 NAG H . 2.59 -27.54 39.28
C4 NAG H . 3.95 -26.93 39.71
C5 NAG H . 4.34 -25.81 38.71
C6 NAG H . 5.71 -25.20 39.04
C7 NAG H . 1.31 -29.78 36.70
C8 NAG H . -0.04 -30.27 36.26
N2 NAG H . 1.41 -28.64 37.40
O3 NAG H . 2.22 -28.60 40.18
O4 NAG H . 3.84 -26.41 41.03
O5 NAG H . 4.41 -26.37 37.34
O6 NAG H . 5.93 -24.01 38.30
O7 NAG H . 2.32 -30.42 36.39
C1 NAG I . 13.87 -69.21 31.09
C2 NAG I . 12.72 -69.53 30.05
C3 NAG I . 11.49 -68.66 30.42
C4 NAG I . 11.04 -68.98 31.87
C5 NAG I . 12.23 -68.70 32.83
C6 NAG I . 11.93 -69.07 34.28
C7 NAG I . 13.43 -70.07 27.75
C8 NAG I . 13.91 -69.62 26.40
N2 NAG I . 13.20 -69.16 28.70
O3 NAG I . 10.41 -68.94 29.51
O4 NAG I . 9.92 -68.16 32.19
O5 NAG I . 13.40 -69.50 32.44
O6 NAG I . 10.94 -68.23 34.87
O7 NAG I . 13.23 -71.27 27.96
#